data_9HQA
#
_entry.id   9HQA
#
_cell.length_a   70.480
_cell.length_b   88.910
_cell.length_c   101.860
_cell.angle_alpha   90.00
_cell.angle_beta   90.00
_cell.angle_gamma   90.00
#
_symmetry.space_group_name_H-M   'P 21 21 21'
#
loop_
_entity.id
_entity.type
_entity.pdbx_description
1 polymer NcECS
2 non-polymer 'PYROPHOSPHATE 2-'
3 non-polymer 'MAGNESIUM ION'
4 non-polymer 'SODIUM ION'
5 non-polymer 2-AMINO-2-HYDROXYMETHYL-PROPANE-1,3-DIOL
6 non-polymer GLYCEROL
7 water water
#
_entity_poly.entity_id   1
_entity_poly.type   'polypeptide(L)'
_entity_poly.pdbx_seq_one_letter_code
;SATSAHSFTGRPLHIPPLPCPFPSEINEHADAVDEESHTWLAASHMLKGADTVEHFRRSKIGTLAARTNPTVPRDSLRLI
NDWYNWLFAFDDAFCEGELMGHRASALARALPPLLEILDGRREPDGSDAFGLALKELLHRISDVASPAQVDRWRTTVKEY
LFAQIWEAANREVDLIPTPDDYVLMRRITGATYTCFALIDVGGGYRLEAEEWHHPDVRTLSDLACDLIGWDNDLLSYAKE
RGNDKARHNLVTVLATHKSLTLQDALLEVAQMHNDAVAAFLDRRAALDRWATLPVRKYVRGLEHWVRGHIAFSLGSARYV
GAWPDDTRWPRAV
;
_entity_poly.pdbx_strand_id   A,B
#
loop_
_chem_comp.id
_chem_comp.type
_chem_comp.name
_chem_comp.formula
GOL non-polymer GLYCEROL 'C3 H8 O3'
MG non-polymer 'MAGNESIUM ION' 'Mg 2'
NA non-polymer 'SODIUM ION' 'Na 1'
POP non-polymer 'PYROPHOSPHATE 2-' 'H2 O7 P2 -2'
TRS non-polymer 2-AMINO-2-HYDROXYMETHYL-PROPANE-1,3-DIOL 'C4 H12 N O3 1'
#
# COMPACT_ATOMS: atom_id res chain seq x y z
N PHE A 8 7.87 -15.94 32.62
CA PHE A 8 7.26 -17.30 32.44
C PHE A 8 7.13 -18.02 33.78
N THR A 9 5.94 -18.53 34.06
CA THR A 9 5.64 -19.48 35.16
C THR A 9 4.89 -20.67 34.56
N GLY A 10 4.81 -21.77 35.31
CA GLY A 10 4.07 -22.98 34.93
C GLY A 10 4.99 -24.06 34.40
N ARG A 11 4.42 -25.22 34.03
CA ARG A 11 5.20 -26.42 33.64
C ARG A 11 5.95 -26.12 32.34
N PRO A 12 7.02 -26.90 32.03
CA PRO A 12 7.79 -26.70 30.81
C PRO A 12 6.93 -26.79 29.53
N LEU A 13 7.15 -25.86 28.59
CA LEU A 13 6.46 -25.84 27.28
C LEU A 13 7.21 -26.75 26.32
N HIS A 14 6.46 -27.48 25.49
CA HIS A 14 6.97 -28.23 24.32
C HIS A 14 6.80 -27.35 23.08
N ILE A 15 7.91 -26.94 22.45
CA ILE A 15 7.88 -26.27 21.13
C ILE A 15 7.68 -27.37 20.09
N PRO A 16 6.55 -27.37 19.35
CA PRO A 16 6.31 -28.40 18.34
C PRO A 16 7.30 -28.29 17.20
N PRO A 17 7.61 -29.40 16.50
CA PRO A 17 8.47 -29.35 15.32
C PRO A 17 7.75 -28.55 14.22
N LEU A 18 8.54 -28.00 13.29
CA LEU A 18 8.06 -27.31 12.07
C LEU A 18 8.58 -28.08 10.87
N PRO A 19 7.99 -29.26 10.56
CA PRO A 19 8.49 -30.12 9.49
C PRO A 19 8.44 -29.36 8.16
N CYS A 20 9.47 -29.52 7.35
CA CYS A 20 9.66 -28.82 6.05
C CYS A 20 10.53 -29.68 5.15
N PRO A 21 10.01 -30.17 4.00
CA PRO A 21 10.79 -31.06 3.12
C PRO A 21 11.72 -30.30 2.17
N PHE A 22 11.68 -28.96 2.20
CA PHE A 22 12.46 -28.08 1.31
C PHE A 22 13.94 -28.18 1.66
N PRO A 23 14.84 -28.02 0.68
CA PRO A 23 16.28 -28.08 0.93
C PRO A 23 16.76 -26.95 1.85
N SER A 24 17.60 -27.30 2.82
CA SER A 24 18.31 -26.37 3.73
C SER A 24 19.72 -26.11 3.18
N GLU A 25 19.97 -24.88 2.73
CA GLU A 25 21.27 -24.49 2.12
C GLU A 25 21.73 -23.21 2.80
N ILE A 26 22.98 -22.81 2.54
CA ILE A 26 23.53 -21.54 3.06
C ILE A 26 24.55 -20.99 2.05
N ASN A 27 24.50 -19.69 1.82
CA ASN A 27 25.42 -18.97 0.91
C ASN A 27 26.85 -19.12 1.43
N GLU A 28 27.81 -19.44 0.55
CA GLU A 28 29.23 -19.64 0.94
C GLU A 28 29.80 -18.34 1.52
N HIS A 29 29.20 -17.18 1.25
CA HIS A 29 29.71 -15.85 1.67
C HIS A 29 29.13 -15.43 3.03
N ALA A 30 28.42 -16.31 3.73
CA ALA A 30 27.72 -16.01 5.01
C ALA A 30 28.61 -15.24 5.98
N ASP A 31 29.79 -15.77 6.32
CA ASP A 31 30.66 -15.22 7.40
C ASP A 31 31.07 -13.78 7.07
N ALA A 32 31.66 -13.58 5.88
CA ALA A 32 32.25 -12.30 5.46
C ALA A 32 31.14 -11.25 5.31
N VAL A 33 30.00 -11.62 4.73
CA VAL A 33 28.92 -10.64 4.42
C VAL A 33 28.18 -10.32 5.73
N ASP A 34 27.90 -11.30 6.58
CA ASP A 34 27.26 -11.04 7.90
C ASP A 34 28.04 -9.95 8.64
N GLU A 35 29.38 -10.07 8.68
CA GLU A 35 30.28 -9.13 9.39
C GLU A 35 30.22 -7.74 8.73
N GLU A 36 30.34 -7.69 7.40
CA GLU A 36 30.27 -6.44 6.60
C GLU A 36 28.94 -5.73 6.85
N SER A 37 27.82 -6.46 6.71
CA SER A 37 26.46 -5.91 6.85
C SER A 37 26.24 -5.42 8.30
N HIS A 38 26.71 -6.16 9.31
CA HIS A 38 26.60 -5.73 10.71
C HIS A 38 27.37 -4.42 10.90
N THR A 39 28.57 -4.32 10.32
CA THR A 39 29.40 -3.09 10.38
C THR A 39 28.60 -1.92 9.81
N TRP A 40 27.95 -2.14 8.67
CA TRP A 40 27.06 -1.16 7.99
C TRP A 40 25.96 -0.71 8.94
N LEU A 41 25.29 -1.66 9.61
CA LEU A 41 24.21 -1.36 10.59
C LEU A 41 24.78 -0.56 11.76
N ALA A 42 25.89 -1.02 12.35
CA ALA A 42 26.53 -0.40 13.53
C ALA A 42 26.93 1.05 13.21
N ALA A 43 27.32 1.34 11.98
CA ALA A 43 27.74 2.70 11.53
C ALA A 43 26.53 3.61 11.28
N SER A 44 25.32 3.04 11.11
CA SER A 44 24.12 3.73 10.55
C SER A 44 23.49 4.68 11.58
N HIS A 45 23.67 4.40 12.87
CA HIS A 45 22.94 5.04 14.01
C HIS A 45 21.43 4.73 13.91
N MET A 46 21.01 3.70 13.18
CA MET A 46 19.60 3.24 13.17
C MET A 46 19.23 2.72 14.57
N LEU A 47 20.17 2.06 15.24
CA LEU A 47 20.04 1.64 16.66
C LEU A 47 20.89 2.58 17.53
N LYS A 48 20.29 3.18 18.56
CA LYS A 48 20.97 4.19 19.41
C LYS A 48 21.74 3.52 20.55
N GLY A 49 21.30 2.35 21.02
CA GLY A 49 21.86 1.68 22.21
C GLY A 49 22.92 0.64 21.85
N ALA A 50 24.08 0.68 22.52
CA ALA A 50 25.18 -0.30 22.37
C ALA A 50 24.68 -1.72 22.65
N ASP A 51 23.78 -1.89 23.63
CA ASP A 51 23.15 -3.18 23.98
C ASP A 51 22.38 -3.73 22.76
N THR A 52 21.57 -2.91 22.08
CA THR A 52 20.78 -3.37 20.91
C THR A 52 21.74 -3.73 19.77
N VAL A 53 22.75 -2.90 19.51
CA VAL A 53 23.75 -3.16 18.45
C VAL A 53 24.42 -4.51 18.72
N GLU A 54 24.83 -4.77 19.96
CA GLU A 54 25.53 -6.04 20.33
C GLU A 54 24.56 -7.21 20.17
N HIS A 55 23.32 -7.05 20.61
CA HIS A 55 22.24 -8.07 20.44
C HIS A 55 22.13 -8.44 18.95
N PHE A 56 22.17 -7.46 18.05
CA PHE A 56 22.12 -7.69 16.59
C PHE A 56 23.36 -8.46 16.14
N ARG A 57 24.56 -8.07 16.60
CA ARG A 57 25.82 -8.76 16.25
C ARG A 57 25.69 -10.25 16.60
N ARG A 58 25.22 -10.56 17.81
CA ARG A 58 25.07 -11.95 18.34
C ARG A 58 23.98 -12.71 17.55
N SER A 59 22.97 -12.00 17.06
CA SER A 59 21.80 -12.57 16.34
C SER A 59 22.21 -13.13 14.97
N LYS A 60 23.32 -12.62 14.41
CA LYS A 60 23.93 -13.09 13.13
C LYS A 60 22.88 -12.98 12.01
N ILE A 61 22.35 -11.77 11.82
CA ILE A 61 21.29 -11.47 10.81
C ILE A 61 21.73 -11.96 9.43
N GLY A 62 23.02 -11.84 9.12
CA GLY A 62 23.60 -12.28 7.83
C GLY A 62 23.51 -13.79 7.63
N THR A 63 23.39 -14.56 8.71
CA THR A 63 23.14 -16.02 8.64
C THR A 63 21.73 -16.25 8.07
N LEU A 64 20.75 -15.43 8.47
CA LEU A 64 19.38 -15.51 7.88
C LEU A 64 19.49 -15.17 6.39
N ALA A 65 20.16 -14.07 6.02
CA ALA A 65 20.36 -13.64 4.62
C ALA A 65 20.95 -14.80 3.82
N ALA A 66 22.00 -15.44 4.35
CA ALA A 66 22.78 -16.49 3.64
C ALA A 66 21.94 -17.76 3.48
N ARG A 67 21.16 -18.12 4.50
CA ARG A 67 20.30 -19.33 4.49
C ARG A 67 19.09 -19.12 3.57
N THR A 68 18.53 -17.90 3.51
CA THR A 68 17.31 -17.61 2.72
C THR A 68 17.67 -17.28 1.27
N ASN A 69 18.93 -16.96 0.98
CA ASN A 69 19.39 -16.60 -0.38
C ASN A 69 20.71 -17.34 -0.65
N PRO A 70 20.71 -18.69 -0.67
CA PRO A 70 21.95 -19.45 -0.72
C PRO A 70 22.70 -19.49 -2.07
N THR A 71 22.05 -19.05 -3.16
CA THR A 71 22.59 -19.17 -4.54
C THR A 71 23.18 -17.84 -5.04
N VAL A 72 22.86 -16.71 -4.40
CA VAL A 72 23.12 -15.36 -4.98
C VAL A 72 24.61 -15.06 -4.85
N PRO A 73 25.18 -14.26 -5.79
CA PRO A 73 26.56 -13.80 -5.67
C PRO A 73 26.77 -12.88 -4.45
N ARG A 74 28.04 -12.66 -4.09
CA ARG A 74 28.44 -11.95 -2.85
C ARG A 74 27.80 -10.56 -2.80
N ASP A 75 27.85 -9.80 -3.90
CA ASP A 75 27.34 -8.41 -3.98
C ASP A 75 25.84 -8.40 -3.69
N SER A 76 25.10 -9.35 -4.27
CA SER A 76 23.64 -9.53 -4.04
C SER A 76 23.38 -9.88 -2.58
N LEU A 77 24.17 -10.78 -2.00
CA LEU A 77 23.98 -11.21 -0.60
C LEU A 77 24.18 -10.00 0.32
N ARG A 78 25.19 -9.17 0.05
CA ARG A 78 25.52 -7.99 0.89
C ARG A 78 24.33 -7.00 0.87
N LEU A 79 23.78 -6.74 -0.32
CA LEU A 79 22.63 -5.80 -0.49
C LEU A 79 21.42 -6.33 0.30
N ILE A 80 21.09 -7.61 0.11
CA ILE A 80 19.93 -8.26 0.79
C ILE A 80 20.17 -8.25 2.31
N ASN A 81 21.38 -8.57 2.76
CA ASN A 81 21.75 -8.59 4.20
C ASN A 81 21.57 -7.18 4.79
N ASP A 82 21.99 -6.14 4.08
CA ASP A 82 21.81 -4.72 4.52
C ASP A 82 20.30 -4.44 4.66
N TRP A 83 19.50 -4.88 3.70
CA TRP A 83 18.03 -4.73 3.71
C TRP A 83 17.44 -5.45 4.94
N TYR A 84 17.86 -6.68 5.22
CA TYR A 84 17.40 -7.43 6.42
C TYR A 84 17.73 -6.62 7.69
N ASN A 85 18.95 -6.09 7.79
CA ASN A 85 19.40 -5.32 8.97
C ASN A 85 18.52 -4.07 9.12
N TRP A 86 18.22 -3.37 8.02
CA TRP A 86 17.29 -2.22 8.01
C TRP A 86 15.94 -2.65 8.62
N LEU A 87 15.40 -3.78 8.15
CA LEU A 87 14.07 -4.28 8.59
C LEU A 87 14.09 -4.63 10.08
N PHE A 88 15.07 -5.42 10.54
CA PHE A 88 15.16 -5.82 11.96
C PHE A 88 15.31 -4.57 12.83
N ALA A 89 16.13 -3.59 12.40
CA ALA A 89 16.36 -2.35 13.17
C ALA A 89 15.07 -1.53 13.21
N PHE A 90 14.38 -1.37 12.07
CA PHE A 90 13.13 -0.58 11.96
C PHE A 90 12.08 -1.19 12.89
N ASP A 91 11.96 -2.51 12.82
CA ASP A 91 11.02 -3.32 13.63
C ASP A 91 11.22 -3.01 15.13
N ASP A 92 12.46 -3.08 15.61
CA ASP A 92 12.77 -2.97 17.07
C ASP A 92 12.80 -1.50 17.52
N ALA A 93 13.37 -0.58 16.74
CA ALA A 93 13.65 0.80 17.19
C ALA A 93 12.43 1.70 16.94
N PHE A 94 11.67 1.48 15.86
CA PHE A 94 10.55 2.37 15.45
C PHE A 94 9.21 1.68 15.67
N CYS A 95 8.94 0.62 14.91
CA CYS A 95 7.59 0.01 14.76
C CYS A 95 7.06 -0.50 16.11
N GLU A 96 7.90 -1.16 16.90
CA GLU A 96 7.48 -1.78 18.18
C GLU A 96 8.06 -1.00 19.36
N GLY A 97 8.70 0.14 19.11
CA GLY A 97 9.23 1.03 20.16
C GLY A 97 8.10 1.70 20.93
N GLU A 98 8.36 2.12 22.16
CA GLU A 98 7.33 2.70 23.06
C GLU A 98 6.89 4.06 22.50
N LEU A 99 7.80 4.81 21.86
CA LEU A 99 7.53 6.20 21.40
C LEU A 99 6.40 6.18 20.34
N MET A 100 6.56 5.41 19.27
CA MET A 100 5.70 5.51 18.05
C MET A 100 4.71 4.32 17.97
N GLY A 101 5.05 3.19 18.57
CA GLY A 101 4.38 1.89 18.32
C GLY A 101 3.03 1.77 18.99
N HIS A 102 2.66 2.66 19.92
CA HIS A 102 1.40 2.57 20.69
C HIS A 102 0.42 3.68 20.27
N ARG A 103 0.68 4.36 19.16
CA ARG A 103 -0.15 5.48 18.66
C ARG A 103 -0.28 5.40 17.13
N ALA A 104 -1.44 4.96 16.64
CA ALA A 104 -1.72 4.81 15.20
C ALA A 104 -1.57 6.17 14.50
N SER A 105 -2.13 7.23 15.10
CA SER A 105 -2.08 8.59 14.52
CA SER A 105 -2.09 8.59 14.51
C SER A 105 -0.64 9.05 14.33
N ALA A 106 0.19 8.88 15.37
CA ALA A 106 1.61 9.32 15.40
C ALA A 106 2.41 8.57 14.33
N LEU A 107 2.26 7.25 14.27
CA LEU A 107 3.02 6.40 13.32
C LEU A 107 2.59 6.75 11.89
N ALA A 108 1.28 6.84 11.63
CA ALA A 108 0.71 7.22 10.31
C ALA A 108 1.30 8.56 9.84
N ARG A 109 1.35 9.56 10.72
CA ARG A 109 1.78 10.94 10.36
CA ARG A 109 1.78 10.94 10.35
C ARG A 109 3.30 11.00 10.17
N ALA A 110 4.04 10.02 10.72
CA ALA A 110 5.52 9.96 10.62
C ALA A 110 5.98 9.35 9.28
N LEU A 111 5.10 8.68 8.55
CA LEU A 111 5.48 7.86 7.36
C LEU A 111 5.76 8.74 6.13
N PRO A 112 4.99 9.81 5.82
CA PRO A 112 5.17 10.55 4.57
C PRO A 112 6.62 10.91 4.21
N PRO A 113 7.46 11.46 5.11
CA PRO A 113 8.85 11.75 4.77
C PRO A 113 9.61 10.49 4.30
N LEU A 114 9.38 9.35 4.94
CA LEU A 114 10.03 8.06 4.56
C LEU A 114 9.49 7.59 3.21
N LEU A 115 8.20 7.76 2.95
CA LEU A 115 7.56 7.40 1.65
C LEU A 115 8.15 8.27 0.54
N GLU A 116 8.42 9.54 0.82
CA GLU A 116 9.00 10.48 -0.19
C GLU A 116 10.44 10.07 -0.51
N ILE A 117 11.19 9.61 0.50
CA ILE A 117 12.57 9.08 0.31
C ILE A 117 12.48 7.83 -0.57
N LEU A 118 11.57 6.92 -0.25
CA LEU A 118 11.32 5.66 -1.00
C LEU A 118 10.99 5.98 -2.46
N ASP A 119 10.27 7.07 -2.72
CA ASP A 119 9.87 7.49 -4.11
C ASP A 119 11.05 8.15 -4.84
N GLY A 120 12.13 8.47 -4.15
CA GLY A 120 13.31 9.17 -4.72
C GLY A 120 13.04 10.66 -4.91
N ARG A 121 12.12 11.23 -4.13
CA ARG A 121 11.63 12.63 -4.28
C ARG A 121 12.28 13.56 -3.24
N ARG A 122 12.83 13.00 -2.16
CA ARG A 122 13.24 13.76 -0.96
C ARG A 122 14.64 13.34 -0.51
N GLU A 123 15.50 14.30 -0.19
CA GLU A 123 16.79 14.08 0.51
C GLU A 123 16.50 13.82 1.99
N PRO A 124 16.99 12.71 2.57
CA PRO A 124 16.90 12.51 4.01
C PRO A 124 17.72 13.58 4.73
N ASP A 125 17.24 14.01 5.90
CA ASP A 125 18.01 14.89 6.83
C ASP A 125 19.18 14.09 7.41
N GLY A 126 20.26 14.78 7.80
CA GLY A 126 21.46 14.18 8.42
C GLY A 126 21.15 13.41 9.68
N SER A 127 20.01 13.70 10.35
CA SER A 127 19.59 13.10 11.64
C SER A 127 18.60 11.94 11.42
N ASP A 128 18.23 11.67 10.17
CA ASP A 128 17.23 10.62 9.80
C ASP A 128 17.98 9.33 9.42
N ALA A 129 18.38 8.55 10.42
CA ALA A 129 19.19 7.32 10.25
C ALA A 129 18.48 6.37 9.29
N PHE A 130 17.19 6.10 9.50
CA PHE A 130 16.41 5.12 8.68
C PHE A 130 16.26 5.65 7.24
N GLY A 131 16.03 6.95 7.08
CA GLY A 131 15.88 7.59 5.77
C GLY A 131 17.17 7.53 4.98
N LEU A 132 18.30 7.84 5.61
CA LEU A 132 19.63 7.83 4.95
C LEU A 132 19.92 6.41 4.42
N ALA A 133 19.67 5.39 5.26
CA ALA A 133 19.89 3.97 4.91
C ALA A 133 18.93 3.53 3.80
N LEU A 134 17.65 3.91 3.88
CA LEU A 134 16.63 3.52 2.86
C LEU A 134 17.00 4.17 1.51
N LYS A 135 17.41 5.43 1.50
CA LYS A 135 17.85 6.12 0.25
C LYS A 135 18.98 5.30 -0.39
N GLU A 136 19.99 4.92 0.41
CA GLU A 136 21.15 4.13 -0.05
C GLU A 136 20.67 2.82 -0.67
N LEU A 137 19.80 2.10 0.03
CA LEU A 137 19.34 0.76 -0.43
C LEU A 137 18.52 0.91 -1.72
N LEU A 138 17.67 1.94 -1.82
CA LEU A 138 16.89 2.21 -3.07
C LEU A 138 17.85 2.37 -4.25
N HIS A 139 18.90 3.18 -4.09
CA HIS A 139 19.91 3.46 -5.14
C HIS A 139 20.64 2.17 -5.52
N ARG A 140 21.04 1.37 -4.52
CA ARG A 140 21.80 0.12 -4.76
C ARG A 140 20.90 -0.92 -5.45
N ILE A 141 19.63 -1.02 -5.07
CA ILE A 141 18.65 -1.93 -5.74
C ILE A 141 18.45 -1.44 -7.19
N SER A 142 18.27 -0.14 -7.39
CA SER A 142 18.02 0.48 -8.71
C SER A 142 19.18 0.20 -9.68
N ASP A 143 20.40 0.07 -9.18
CA ASP A 143 21.62 -0.22 -10.00
C ASP A 143 21.54 -1.62 -10.61
N VAL A 144 20.79 -2.56 -10.00
CA VAL A 144 20.81 -4.00 -10.41
C VAL A 144 19.38 -4.50 -10.66
N ALA A 145 18.42 -3.61 -10.86
CA ALA A 145 16.99 -3.97 -11.06
C ALA A 145 16.38 -3.04 -12.11
N SER A 146 15.47 -3.58 -12.94
CA SER A 146 14.67 -2.83 -13.93
C SER A 146 13.69 -1.93 -13.18
N PRO A 147 13.21 -0.83 -13.80
CA PRO A 147 12.18 0.00 -13.19
C PRO A 147 11.00 -0.81 -12.63
N ALA A 148 10.52 -1.82 -13.36
CA ALA A 148 9.39 -2.68 -12.96
C ALA A 148 9.75 -3.44 -11.68
N GLN A 149 10.98 -3.95 -11.59
CA GLN A 149 11.46 -4.71 -10.40
C GLN A 149 11.57 -3.75 -9.21
N VAL A 150 12.09 -2.55 -9.42
CA VAL A 150 12.24 -1.51 -8.34
C VAL A 150 10.84 -1.16 -7.81
N ASP A 151 9.88 -0.92 -8.69
CA ASP A 151 8.49 -0.52 -8.31
C ASP A 151 7.81 -1.68 -7.58
N ARG A 152 8.09 -2.91 -8.00
CA ARG A 152 7.53 -4.12 -7.34
C ARG A 152 8.03 -4.13 -5.88
N TRP A 153 9.34 -3.94 -5.68
CA TRP A 153 9.96 -3.88 -4.33
C TRP A 153 9.37 -2.72 -3.55
N ARG A 154 9.35 -1.52 -4.14
CA ARG A 154 8.84 -0.27 -3.50
C ARG A 154 7.39 -0.51 -3.03
N THR A 155 6.55 -1.12 -3.88
CA THR A 155 5.12 -1.43 -3.55
C THR A 155 5.06 -2.31 -2.29
N THR A 156 5.88 -3.35 -2.19
CA THR A 156 5.87 -4.27 -1.01
C THR A 156 6.31 -3.49 0.24
N VAL A 157 7.26 -2.55 0.10
CA VAL A 157 7.76 -1.76 1.26
C VAL A 157 6.64 -0.84 1.76
N LYS A 158 5.91 -0.17 0.86
CA LYS A 158 4.83 0.76 1.22
C LYS A 158 3.76 0.02 2.02
N GLU A 159 3.38 -1.18 1.56
CA GLU A 159 2.33 -2.01 2.22
C GLU A 159 2.83 -2.39 3.61
N TYR A 160 4.10 -2.79 3.71
CA TYR A 160 4.76 -3.15 4.99
C TYR A 160 4.69 -1.96 5.95
N LEU A 161 5.02 -0.76 5.48
CA LEU A 161 5.01 0.48 6.32
C LEU A 161 3.58 0.75 6.78
N PHE A 162 2.60 0.72 5.86
CA PHE A 162 1.18 0.98 6.20
C PHE A 162 0.69 -0.04 7.24
N ALA A 163 1.13 -1.30 7.11
CA ALA A 163 0.72 -2.42 8.02
C ALA A 163 1.16 -2.11 9.46
N GLN A 164 2.23 -1.35 9.65
CA GLN A 164 2.74 -1.00 11.01
C GLN A 164 1.72 -0.10 11.73
N ILE A 165 0.92 0.68 11.00
CA ILE A 165 -0.11 1.58 11.60
C ILE A 165 -1.19 0.68 12.23
N TRP A 166 -1.57 -0.38 11.51
CA TRP A 166 -2.55 -1.38 11.99
C TRP A 166 -2.06 -1.99 13.31
N GLU A 167 -0.79 -2.37 13.41
CA GLU A 167 -0.21 -2.91 14.66
C GLU A 167 -0.36 -1.86 15.77
N ALA A 168 0.04 -0.62 15.50
CA ALA A 168 -0.02 0.49 16.47
C ALA A 168 -1.47 0.69 16.92
N ALA A 169 -2.43 0.54 16.00
CA ALA A 169 -3.88 0.66 16.29
C ALA A 169 -4.27 -0.38 17.36
N ASN A 170 -3.84 -1.63 17.21
CA ASN A 170 -4.15 -2.74 18.17
C ASN A 170 -3.53 -2.42 19.52
N ARG A 171 -2.28 -1.94 19.55
CA ARG A 171 -1.58 -1.56 20.80
C ARG A 171 -2.34 -0.42 21.47
N GLU A 172 -2.75 0.58 20.71
CA GLU A 172 -3.44 1.81 21.21
C GLU A 172 -4.75 1.42 21.92
N VAL A 173 -5.57 0.57 21.30
CA VAL A 173 -6.91 0.19 21.84
C VAL A 173 -6.78 -1.01 22.78
N ASP A 174 -5.55 -1.55 22.92
CA ASP A 174 -5.23 -2.72 23.77
C ASP A 174 -6.16 -3.88 23.43
N LEU A 175 -6.19 -4.29 22.16
CA LEU A 175 -6.93 -5.49 21.69
C LEU A 175 -5.95 -6.47 21.04
N ILE A 176 -6.19 -7.76 21.24
CA ILE A 176 -5.56 -8.85 20.44
C ILE A 176 -6.33 -8.96 19.15
N PRO A 177 -5.70 -8.83 17.96
CA PRO A 177 -6.44 -8.95 16.70
C PRO A 177 -7.08 -10.33 16.58
N THR A 178 -8.22 -10.41 15.88
CA THR A 178 -8.96 -11.67 15.63
C THR A 178 -8.16 -12.51 14.64
N PRO A 179 -8.31 -13.85 14.64
CA PRO A 179 -7.58 -14.72 13.72
C PRO A 179 -7.66 -14.29 12.25
N ASP A 180 -8.86 -13.98 11.76
CA ASP A 180 -9.09 -13.62 10.33
C ASP A 180 -8.32 -12.34 9.99
N ASP A 181 -8.47 -11.29 10.80
CA ASP A 181 -7.75 -10.00 10.61
C ASP A 181 -6.25 -10.27 10.70
N TYR A 182 -5.81 -11.03 11.72
CA TYR A 182 -4.38 -11.24 12.01
C TYR A 182 -3.70 -11.99 10.87
N VAL A 183 -4.26 -13.12 10.42
CA VAL A 183 -3.58 -13.96 9.39
C VAL A 183 -3.49 -13.16 8.08
N LEU A 184 -4.45 -12.28 7.80
CA LEU A 184 -4.40 -11.43 6.57
C LEU A 184 -3.26 -10.42 6.70
N MET A 185 -3.23 -9.65 7.80
CA MET A 185 -2.29 -8.52 7.98
C MET A 185 -0.88 -9.06 8.26
N ARG A 186 -0.76 -10.27 8.82
CA ARG A 186 0.57 -10.86 9.16
C ARG A 186 1.40 -11.09 7.89
N ARG A 187 0.74 -11.27 6.74
CA ARG A 187 1.42 -11.39 5.43
C ARG A 187 2.20 -10.11 5.11
N ILE A 188 1.80 -8.95 5.64
CA ILE A 188 2.48 -7.66 5.30
C ILE A 188 3.17 -7.04 6.52
N THR A 189 2.84 -7.40 7.77
CA THR A 189 3.49 -6.75 8.94
C THR A 189 4.95 -7.21 9.08
N GLY A 190 5.33 -8.33 8.45
CA GLY A 190 6.65 -8.97 8.64
C GLY A 190 7.64 -8.66 7.53
N ALA A 191 7.21 -7.96 6.47
CA ALA A 191 8.05 -7.49 5.32
C ALA A 191 8.58 -8.65 4.49
N THR A 192 8.06 -9.87 4.64
CA THR A 192 8.52 -11.05 3.87
C THR A 192 8.42 -10.77 2.37
N TYR A 193 7.34 -10.15 1.90
CA TYR A 193 7.13 -9.88 0.45
C TYR A 193 8.25 -8.97 -0.07
N THR A 194 8.78 -8.07 0.76
CA THR A 194 9.89 -7.15 0.37
C THR A 194 11.15 -7.96 0.08
N CYS A 195 11.30 -9.13 0.72
CA CYS A 195 12.46 -10.03 0.54
C CYS A 195 12.22 -10.95 -0.67
N PHE A 196 11.00 -11.46 -0.84
CA PHE A 196 10.60 -12.27 -2.02
C PHE A 196 10.81 -11.44 -3.30
N ALA A 197 10.56 -10.13 -3.22
CA ALA A 197 10.67 -9.17 -4.33
C ALA A 197 12.13 -9.06 -4.80
N LEU A 198 13.11 -9.52 -4.01
CA LEU A 198 14.54 -9.40 -4.31
C LEU A 198 15.14 -10.75 -4.75
N ILE A 199 14.33 -11.81 -4.84
CA ILE A 199 14.85 -13.16 -5.22
C ILE A 199 15.38 -13.11 -6.67
N ASP A 200 14.58 -12.63 -7.62
CA ASP A 200 15.02 -12.58 -9.05
C ASP A 200 16.14 -11.55 -9.18
N VAL A 201 16.01 -10.40 -8.52
CA VAL A 201 17.02 -9.31 -8.54
C VAL A 201 18.36 -9.88 -8.03
N GLY A 202 18.35 -10.50 -6.85
CA GLY A 202 19.53 -11.13 -6.23
C GLY A 202 20.17 -12.16 -7.13
N GLY A 203 19.35 -12.93 -7.85
CA GLY A 203 19.78 -14.04 -8.72
C GLY A 203 20.23 -13.58 -10.10
N GLY A 204 20.02 -12.30 -10.43
CA GLY A 204 20.43 -11.70 -11.71
C GLY A 204 19.52 -12.14 -12.85
N TYR A 205 18.23 -12.36 -12.59
CA TYR A 205 17.20 -12.65 -13.61
C TYR A 205 15.96 -11.80 -13.35
N ARG A 206 14.97 -11.89 -14.24
CA ARG A 206 13.79 -11.00 -14.24
C ARG A 206 12.55 -11.81 -14.60
N LEU A 207 11.66 -12.07 -13.64
CA LEU A 207 10.33 -12.66 -13.92
C LEU A 207 9.52 -11.64 -14.73
N GLU A 208 8.91 -12.10 -15.83
CA GLU A 208 7.96 -11.28 -16.64
C GLU A 208 6.72 -11.01 -15.78
N ALA A 209 6.00 -9.93 -16.07
CA ALA A 209 4.77 -9.53 -15.34
C ALA A 209 3.80 -10.72 -15.27
N GLU A 210 3.61 -11.42 -16.40
CA GLU A 210 2.70 -12.60 -16.55
C GLU A 210 3.14 -13.74 -15.63
N GLU A 211 4.45 -13.93 -15.45
CA GLU A 211 5.04 -14.96 -14.55
C GLU A 211 4.81 -14.52 -13.11
N TRP A 212 5.27 -13.33 -12.74
CA TRP A 212 5.18 -12.79 -11.36
C TRP A 212 3.73 -12.87 -10.86
N HIS A 213 2.78 -12.39 -11.66
CA HIS A 213 1.36 -12.19 -11.25
C HIS A 213 0.53 -13.45 -11.56
N HIS A 214 1.14 -14.53 -12.08
CA HIS A 214 0.42 -15.79 -12.36
C HIS A 214 -0.23 -16.28 -11.05
N PRO A 215 -1.52 -16.66 -11.07
CA PRO A 215 -2.21 -17.12 -9.86
C PRO A 215 -1.47 -18.24 -9.08
N ASP A 216 -0.79 -19.15 -9.79
CA ASP A 216 0.00 -20.25 -9.18
C ASP A 216 1.19 -19.66 -8.41
N VAL A 217 1.86 -18.67 -9.00
CA VAL A 217 3.08 -18.05 -8.40
C VAL A 217 2.65 -17.22 -7.18
N ARG A 218 1.55 -16.47 -7.30
CA ARG A 218 1.00 -15.65 -6.19
C ARG A 218 0.58 -16.58 -5.04
N THR A 219 -0.07 -17.71 -5.35
CA THR A 219 -0.54 -18.68 -4.34
C THR A 219 0.66 -19.22 -3.55
N LEU A 220 1.72 -19.66 -4.25
CA LEU A 220 2.93 -20.21 -3.60
C LEU A 220 3.62 -19.11 -2.77
N SER A 221 3.69 -17.88 -3.29
CA SER A 221 4.28 -16.71 -2.60
C SER A 221 3.51 -16.47 -1.29
N ASP A 222 2.18 -16.49 -1.36
CA ASP A 222 1.28 -16.22 -0.21
C ASP A 222 1.43 -17.32 0.85
N LEU A 223 1.49 -18.59 0.44
CA LEU A 223 1.66 -19.75 1.36
C LEU A 223 3.04 -19.69 2.03
N ALA A 224 4.09 -19.36 1.28
CA ALA A 224 5.47 -19.21 1.78
C ALA A 224 5.47 -18.09 2.84
N CYS A 225 4.79 -16.99 2.53
CA CYS A 225 4.68 -15.82 3.42
C CYS A 225 3.93 -16.22 4.70
N ASP A 226 2.85 -17.00 4.59
CA ASP A 226 2.11 -17.53 5.77
C ASP A 226 3.06 -18.36 6.64
N LEU A 227 3.74 -19.33 6.03
CA LEU A 227 4.68 -20.22 6.74
C LEU A 227 5.71 -19.37 7.49
N ILE A 228 6.34 -18.42 6.82
CA ILE A 228 7.42 -17.63 7.49
C ILE A 228 6.83 -16.84 8.65
N GLY A 229 5.65 -16.22 8.47
CA GLY A 229 4.96 -15.43 9.50
C GLY A 229 4.65 -16.30 10.71
N TRP A 230 4.01 -17.45 10.49
CA TRP A 230 3.57 -18.34 11.59
C TRP A 230 4.78 -18.99 12.27
N ASP A 231 5.81 -19.36 11.51
CA ASP A 231 7.04 -20.00 12.06
C ASP A 231 7.72 -18.99 12.97
N ASN A 232 7.82 -17.74 12.53
CA ASN A 232 8.40 -16.68 13.37
C ASN A 232 7.54 -16.51 14.62
N ASP A 233 6.21 -16.49 14.48
CA ASP A 233 5.30 -16.31 15.64
C ASP A 233 5.60 -17.40 16.67
N LEU A 234 5.73 -18.65 16.23
CA LEU A 234 5.98 -19.78 17.16
C LEU A 234 7.31 -19.55 17.89
N LEU A 235 8.37 -19.23 17.17
CA LEU A 235 9.75 -19.21 17.74
C LEU A 235 10.06 -17.86 18.40
N SER A 236 9.45 -16.75 17.96
CA SER A 236 9.67 -15.41 18.57
C SER A 236 8.69 -15.18 19.72
N TYR A 237 7.80 -16.13 20.02
CA TYR A 237 6.76 -15.96 21.06
C TYR A 237 7.40 -15.52 22.39
N ALA A 238 8.44 -16.24 22.85
CA ALA A 238 9.02 -16.03 24.20
C ALA A 238 9.58 -14.61 24.32
N LYS A 239 10.33 -14.14 23.33
CA LYS A 239 10.94 -12.78 23.41
C LYS A 239 9.82 -11.73 23.30
N GLU A 240 8.76 -12.02 22.56
CA GLU A 240 7.64 -11.06 22.34
C GLU A 240 6.79 -10.96 23.61
N ARG A 241 6.80 -11.99 24.46
CA ARG A 241 6.09 -11.98 25.78
C ARG A 241 6.60 -10.81 26.64
N GLY A 242 7.88 -10.46 26.53
CA GLY A 242 8.50 -9.35 27.28
C GLY A 242 8.07 -7.98 26.80
N ASN A 243 7.51 -7.87 25.59
CA ASN A 243 7.15 -6.59 24.93
CA ASN A 243 7.15 -6.58 24.94
C ASN A 243 5.68 -6.62 24.50
N ASP A 244 4.82 -5.88 25.20
CA ASP A 244 3.39 -5.68 24.83
C ASP A 244 2.69 -7.04 24.71
N LYS A 245 2.96 -7.98 25.62
CA LYS A 245 2.17 -9.23 25.84
C LYS A 245 2.13 -10.12 24.59
N ALA A 246 3.11 -10.05 23.69
CA ALA A 246 3.16 -10.81 22.42
C ALA A 246 1.82 -10.66 21.68
N ARG A 247 1.32 -9.43 21.60
CA ARG A 247 0.02 -9.07 20.97
C ARG A 247 -0.04 -9.57 19.52
N HIS A 248 1.01 -9.28 18.74
CA HIS A 248 1.07 -9.62 17.29
C HIS A 248 1.80 -10.94 17.11
N ASN A 249 1.07 -12.02 17.35
CA ASN A 249 1.64 -13.39 17.41
C ASN A 249 0.47 -14.37 17.33
N LEU A 250 0.52 -15.29 16.36
CA LEU A 250 -0.59 -16.25 16.13
C LEU A 250 -0.84 -17.06 17.39
N VAL A 251 0.20 -17.33 18.18
CA VAL A 251 0.05 -18.09 19.47
C VAL A 251 -0.90 -17.32 20.38
N THR A 252 -0.64 -16.03 20.59
CA THR A 252 -1.49 -15.13 21.43
C THR A 252 -2.89 -15.03 20.82
N VAL A 253 -2.97 -14.82 19.50
CA VAL A 253 -4.24 -14.60 18.75
C VAL A 253 -5.13 -15.84 18.92
N LEU A 254 -4.59 -17.04 18.70
CA LEU A 254 -5.37 -18.30 18.84
C LEU A 254 -5.69 -18.58 20.32
N ALA A 255 -4.74 -18.40 21.23
CA ALA A 255 -4.96 -18.63 22.68
C ALA A 255 -6.12 -17.74 23.15
N THR A 256 -6.17 -16.48 22.68
CA THR A 256 -7.20 -15.47 23.07
C THR A 256 -8.55 -15.82 22.44
N HIS A 257 -8.62 -15.97 21.11
CA HIS A 257 -9.92 -15.99 20.37
C HIS A 257 -10.47 -17.41 20.23
N LYS A 258 -9.70 -18.44 20.59
CA LYS A 258 -10.22 -19.84 20.67
C LYS A 258 -10.15 -20.35 22.12
N SER A 259 -9.81 -19.49 23.08
CA SER A 259 -9.75 -19.79 24.54
C SER A 259 -8.94 -21.07 24.76
N LEU A 260 -7.67 -21.07 24.35
CA LEU A 260 -6.76 -22.23 24.44
C LEU A 260 -5.73 -21.97 25.54
N THR A 261 -5.19 -23.05 26.11
CA THR A 261 -3.94 -23.02 26.90
C THR A 261 -2.82 -22.61 25.94
N LEU A 262 -1.75 -22.03 26.48
CA LEU A 262 -0.54 -21.66 25.68
C LEU A 262 -0.04 -22.91 24.93
N GLN A 263 0.08 -24.06 25.60
CA GLN A 263 0.59 -25.32 24.99
C GLN A 263 -0.29 -25.73 23.79
N ASP A 264 -1.62 -25.62 23.90
CA ASP A 264 -2.56 -25.99 22.81
C ASP A 264 -2.46 -24.97 21.66
N ALA A 265 -2.28 -23.69 21.97
CA ALA A 265 -2.09 -22.61 20.97
C ALA A 265 -0.81 -22.89 20.16
N LEU A 266 0.28 -23.28 20.81
CA LEU A 266 1.55 -23.66 20.13
C LEU A 266 1.28 -24.82 19.17
N LEU A 267 0.54 -25.85 19.61
CA LEU A 267 0.22 -27.02 18.77
C LEU A 267 -0.68 -26.63 17.59
N GLU A 268 -1.62 -25.70 17.80
CA GLU A 268 -2.52 -25.26 16.71
C GLU A 268 -1.72 -24.48 15.66
N VAL A 269 -0.73 -23.69 16.07
CA VAL A 269 0.14 -22.94 15.11
C VAL A 269 0.91 -23.95 14.27
N ALA A 270 1.48 -24.99 14.90
CA ALA A 270 2.20 -26.08 14.20
C ALA A 270 1.26 -26.78 13.22
N GLN A 271 -0.01 -27.01 13.60
CA GLN A 271 -1.01 -27.67 12.71
C GLN A 271 -1.23 -26.81 11.46
N MET A 272 -1.36 -25.49 11.64
CA MET A 272 -1.57 -24.54 10.51
C MET A 272 -0.32 -24.54 9.61
N HIS A 273 0.88 -24.60 10.19
CA HIS A 273 2.15 -24.78 9.44
C HIS A 273 2.06 -26.03 8.56
N ASN A 274 1.72 -27.18 9.14
CA ASN A 274 1.64 -28.48 8.41
C ASN A 274 0.61 -28.38 7.29
N ASP A 275 -0.53 -27.72 7.54
CA ASP A 275 -1.60 -27.53 6.51
C ASP A 275 -1.06 -26.66 5.38
N ALA A 276 -0.32 -25.60 5.69
CA ALA A 276 0.22 -24.63 4.69
C ALA A 276 1.27 -25.33 3.81
N VAL A 277 2.15 -26.13 4.42
CA VAL A 277 3.16 -26.95 3.69
C VAL A 277 2.42 -27.86 2.69
N ALA A 278 1.39 -28.59 3.14
CA ALA A 278 0.60 -29.51 2.29
C ALA A 278 0.00 -28.73 1.11
N ALA A 279 -0.55 -27.54 1.37
CA ALA A 279 -1.17 -26.66 0.36
C ALA A 279 -0.10 -26.21 -0.65
N PHE A 280 1.09 -25.86 -0.16
CA PHE A 280 2.24 -25.44 -1.00
C PHE A 280 2.59 -26.56 -1.98
N LEU A 281 2.75 -27.79 -1.47
CA LEU A 281 3.16 -28.97 -2.27
C LEU A 281 2.10 -29.28 -3.33
N ASP A 282 0.81 -29.15 -2.98
CA ASP A 282 -0.33 -29.41 -3.91
C ASP A 282 -0.25 -28.42 -5.08
N ARG A 283 -0.13 -27.12 -4.79
CA ARG A 283 -0.12 -26.05 -5.82
C ARG A 283 1.18 -26.14 -6.64
N ARG A 284 2.31 -26.46 -6.00
CA ARG A 284 3.62 -26.58 -6.69
C ARG A 284 3.57 -27.65 -7.77
N ALA A 285 2.85 -28.76 -7.51
CA ALA A 285 2.69 -29.90 -8.45
C ALA A 285 2.00 -29.41 -9.72
N ALA A 286 1.00 -28.55 -9.60
CA ALA A 286 0.28 -27.90 -10.72
C ALA A 286 1.20 -26.92 -11.43
N LEU A 287 1.88 -26.04 -10.69
CA LEU A 287 2.81 -25.02 -11.26
C LEU A 287 3.91 -25.72 -12.08
N ASP A 288 4.39 -26.87 -11.59
CA ASP A 288 5.54 -27.59 -12.22
C ASP A 288 5.20 -27.95 -13.67
N ARG A 289 3.92 -28.15 -14.00
CA ARG A 289 3.49 -28.58 -15.36
C ARG A 289 3.82 -27.50 -16.40
N TRP A 290 3.74 -26.20 -16.06
CA TRP A 290 3.97 -25.09 -17.02
C TRP A 290 5.22 -24.27 -16.69
N ALA A 291 5.71 -24.30 -15.45
CA ALA A 291 6.71 -23.36 -14.90
C ALA A 291 7.88 -23.18 -15.86
N THR A 292 8.23 -21.92 -16.15
CA THR A 292 9.42 -21.50 -16.94
C THR A 292 10.65 -21.52 -16.03
N LEU A 293 11.85 -21.40 -16.61
CA LEU A 293 13.14 -21.45 -15.87
C LEU A 293 13.13 -20.40 -14.77
N PRO A 294 12.82 -19.11 -15.06
CA PRO A 294 12.81 -18.07 -14.03
C PRO A 294 11.80 -18.40 -12.92
N VAL A 295 10.62 -18.90 -13.27
CA VAL A 295 9.58 -19.28 -12.29
C VAL A 295 10.13 -20.40 -11.38
N ARG A 296 10.78 -21.42 -11.95
CA ARG A 296 11.34 -22.56 -11.17
CA ARG A 296 11.35 -22.56 -11.17
C ARG A 296 12.37 -22.04 -10.16
N LYS A 297 13.26 -21.15 -10.61
CA LYS A 297 14.32 -20.53 -9.76
C LYS A 297 13.65 -19.75 -8.61
N TYR A 298 12.59 -19.00 -8.91
CA TYR A 298 11.87 -18.18 -7.91
C TYR A 298 11.22 -19.10 -6.86
N VAL A 299 10.55 -20.16 -7.30
CA VAL A 299 9.82 -21.10 -6.39
C VAL A 299 10.86 -21.85 -5.54
N ARG A 300 11.98 -22.26 -6.14
CA ARG A 300 13.10 -22.86 -5.37
C ARG A 300 13.57 -21.82 -4.34
N GLY A 301 13.62 -20.55 -4.74
CA GLY A 301 13.90 -19.40 -3.85
C GLY A 301 12.96 -19.36 -2.67
N LEU A 302 11.66 -19.55 -2.90
CA LEU A 302 10.64 -19.57 -1.81
C LEU A 302 10.95 -20.72 -0.85
N GLU A 303 11.25 -21.91 -1.39
CA GLU A 303 11.52 -23.15 -0.60
C GLU A 303 12.75 -22.92 0.30
N HIS A 304 13.83 -22.39 -0.28
CA HIS A 304 15.08 -22.08 0.46
C HIS A 304 14.79 -21.05 1.56
N TRP A 305 13.92 -20.08 1.26
CA TRP A 305 13.55 -19.00 2.22
C TRP A 305 12.84 -19.65 3.41
N VAL A 306 11.79 -20.43 3.16
CA VAL A 306 10.99 -21.07 4.23
C VAL A 306 11.91 -21.94 5.10
N ARG A 307 12.71 -22.82 4.47
CA ARG A 307 13.54 -23.81 5.19
C ARG A 307 14.67 -23.09 5.93
N GLY A 308 15.35 -22.17 5.26
CA GLY A 308 16.48 -21.39 5.82
C GLY A 308 16.03 -20.57 7.01
N HIS A 309 14.83 -20.01 6.93
CA HIS A 309 14.22 -19.20 8.01
C HIS A 309 14.07 -20.05 9.27
N ILE A 310 13.55 -21.28 9.14
CA ILE A 310 13.36 -22.23 10.27
C ILE A 310 14.73 -22.53 10.88
N ALA A 311 15.71 -22.90 10.06
CA ALA A 311 17.07 -23.24 10.49
C ALA A 311 17.66 -22.07 11.28
N PHE A 312 17.53 -20.84 10.76
CA PHE A 312 18.04 -19.61 11.42
C PHE A 312 17.37 -19.41 12.77
N SER A 313 16.03 -19.48 12.80
CA SER A 313 15.19 -19.05 13.95
C SER A 313 15.38 -20.01 15.13
N LEU A 314 15.63 -21.29 14.87
CA LEU A 314 15.83 -22.31 15.94
C LEU A 314 17.15 -22.06 16.68
N GLY A 315 18.09 -21.32 16.07
CA GLY A 315 19.46 -21.14 16.61
C GLY A 315 19.84 -19.70 16.90
N SER A 316 19.02 -18.70 16.54
CA SER A 316 19.43 -17.27 16.62
C SER A 316 19.27 -16.74 18.05
N ALA A 317 20.28 -16.01 18.53
CA ALA A 317 20.27 -15.29 19.82
C ALA A 317 19.07 -14.35 19.88
N ARG A 318 18.49 -13.97 18.72
CA ARG A 318 17.31 -13.08 18.70
C ARG A 318 16.13 -13.77 19.39
N TYR A 319 16.02 -15.09 19.31
CA TYR A 319 14.80 -15.82 19.75
C TYR A 319 15.07 -16.80 20.90
N VAL A 320 16.19 -17.54 20.89
CA VAL A 320 16.37 -18.72 21.80
C VAL A 320 16.46 -18.25 23.26
N GLY A 321 17.10 -17.10 23.52
CA GLY A 321 17.45 -16.63 24.87
C GLY A 321 16.25 -16.42 25.77
N ALA A 322 15.09 -16.06 25.19
CA ALA A 322 13.87 -15.69 25.95
C ALA A 322 13.11 -16.94 26.43
N TRP A 323 13.34 -18.10 25.81
CA TRP A 323 12.66 -19.36 26.19
C TRP A 323 13.22 -19.85 27.52
N PRO A 324 12.38 -20.22 28.51
CA PRO A 324 12.86 -20.83 29.74
C PRO A 324 13.75 -22.07 29.55
N ASP A 325 14.64 -22.31 30.50
CA ASP A 325 15.70 -23.35 30.45
C ASP A 325 15.08 -24.74 30.30
N ASP A 326 13.87 -24.94 30.83
CA ASP A 326 13.21 -26.27 30.87
C ASP A 326 12.35 -26.48 29.61
N THR A 327 12.28 -25.50 28.71
CA THR A 327 11.56 -25.65 27.41
C THR A 327 12.08 -26.89 26.68
N ARG A 328 11.18 -27.72 26.16
CA ARG A 328 11.53 -28.91 25.34
C ARG A 328 11.51 -28.48 23.86
N TRP A 329 12.69 -28.38 23.25
CA TRP A 329 12.84 -28.06 21.80
C TRP A 329 12.67 -29.33 20.98
N PRO A 330 12.11 -29.24 19.76
CA PRO A 330 11.76 -30.43 18.98
C PRO A 330 12.99 -31.21 18.48
N PHE B 8 -17.57 33.80 2.89
CA PHE B 8 -16.59 33.31 3.92
C PHE B 8 -15.72 34.46 4.44
N THR B 9 -15.25 35.32 3.55
CA THR B 9 -14.11 36.27 3.74
C THR B 9 -14.59 37.69 4.04
N GLY B 10 -15.83 38.03 3.69
CA GLY B 10 -16.36 39.41 3.78
C GLY B 10 -15.96 40.24 2.57
N ARG B 11 -15.37 39.59 1.56
CA ARG B 11 -15.07 40.19 0.24
C ARG B 11 -15.26 39.09 -0.80
N PRO B 12 -15.94 39.37 -1.95
CA PRO B 12 -16.18 38.34 -2.96
C PRO B 12 -14.90 37.62 -3.39
N LEU B 13 -14.93 36.29 -3.44
CA LEU B 13 -13.81 35.45 -3.94
C LEU B 13 -13.93 35.36 -5.46
N HIS B 14 -12.80 35.38 -6.15
CA HIS B 14 -12.70 34.97 -7.57
C HIS B 14 -11.99 33.62 -7.61
N ILE B 15 -12.63 32.65 -8.25
CA ILE B 15 -12.05 31.31 -8.53
C ILE B 15 -11.20 31.45 -9.79
N PRO B 16 -9.88 31.18 -9.70
CA PRO B 16 -9.00 31.29 -10.86
C PRO B 16 -9.26 30.20 -11.89
N PRO B 17 -8.96 30.45 -13.19
CA PRO B 17 -9.11 29.42 -14.22
C PRO B 17 -8.08 28.29 -14.03
N LEU B 18 -8.39 27.10 -14.54
CA LEU B 18 -7.48 25.92 -14.53
C LEU B 18 -7.28 25.48 -15.97
N PRO B 19 -6.51 26.25 -16.77
CA PRO B 19 -6.33 25.91 -18.18
C PRO B 19 -5.42 24.68 -18.35
N CYS B 20 -5.65 23.91 -19.40
CA CYS B 20 -4.68 22.91 -19.94
C CYS B 20 -4.90 22.74 -21.42
N PRO B 21 -3.87 22.33 -22.20
CA PRO B 21 -3.97 22.22 -23.65
C PRO B 21 -4.47 20.84 -24.10
N PHE B 22 -5.23 20.16 -23.24
CA PHE B 22 -5.70 18.77 -23.48
C PHE B 22 -7.10 18.81 -24.06
N PRO B 23 -7.47 17.82 -24.90
CA PRO B 23 -8.79 17.80 -25.53
C PRO B 23 -9.88 17.53 -24.49
N SER B 24 -10.96 18.31 -24.53
CA SER B 24 -12.19 18.08 -23.72
C SER B 24 -13.18 17.26 -24.55
N GLU B 25 -13.40 16.01 -24.17
CA GLU B 25 -14.27 15.08 -24.93
C GLU B 25 -15.26 14.44 -23.96
N ILE B 26 -16.32 13.83 -24.48
CA ILE B 26 -17.29 13.08 -23.64
C ILE B 26 -17.70 11.81 -24.38
N ASN B 27 -17.75 10.70 -23.65
CA ASN B 27 -18.23 9.39 -24.16
C ASN B 27 -19.68 9.56 -24.61
N GLU B 28 -20.02 9.06 -25.80
CA GLU B 28 -21.39 9.18 -26.38
C GLU B 28 -22.42 8.50 -25.48
N HIS B 29 -22.00 7.55 -24.63
CA HIS B 29 -22.90 6.73 -23.76
C HIS B 29 -23.13 7.40 -22.40
N ALA B 30 -22.74 8.66 -22.21
CA ALA B 30 -22.83 9.40 -20.92
C ALA B 30 -24.20 9.25 -20.26
N ASP B 31 -25.27 9.70 -20.92
CA ASP B 31 -26.64 9.76 -20.33
C ASP B 31 -27.09 8.38 -19.87
N ALA B 32 -27.02 7.37 -20.76
CA ALA B 32 -27.56 6.01 -20.52
C ALA B 32 -26.76 5.35 -19.38
N VAL B 33 -25.43 5.47 -19.39
CA VAL B 33 -24.56 4.76 -18.42
C VAL B 33 -24.64 5.47 -17.06
N ASP B 34 -24.67 6.80 -17.03
CA ASP B 34 -24.85 7.56 -15.75
C ASP B 34 -26.08 7.04 -15.02
N GLU B 35 -27.21 6.89 -15.73
CA GLU B 35 -28.50 6.46 -15.14
C GLU B 35 -28.39 5.01 -14.64
N GLU B 36 -27.80 4.13 -15.45
CA GLU B 36 -27.59 2.69 -15.12
C GLU B 36 -26.71 2.58 -13.86
N SER B 37 -25.58 3.29 -13.85
CA SER B 37 -24.59 3.23 -12.74
C SER B 37 -25.20 3.83 -11.46
N HIS B 38 -25.99 4.90 -11.57
CA HIS B 38 -26.71 5.48 -10.40
C HIS B 38 -27.72 4.46 -9.88
N THR B 39 -28.44 3.77 -10.77
CA THR B 39 -29.41 2.71 -10.39
C THR B 39 -28.67 1.62 -9.59
N TRP B 40 -27.51 1.20 -10.10
CA TRP B 40 -26.59 0.20 -9.47
C TRP B 40 -26.18 0.67 -8.08
N LEU B 41 -25.79 1.94 -7.94
CA LEU B 41 -25.40 2.55 -6.64
C LEU B 41 -26.60 2.47 -5.69
N ALA B 42 -27.79 2.87 -6.15
CA ALA B 42 -29.03 2.87 -5.33
C ALA B 42 -29.31 1.45 -4.81
N ALA B 43 -29.20 0.43 -5.68
CA ALA B 43 -29.48 -0.99 -5.36
C ALA B 43 -28.43 -1.54 -4.39
N SER B 44 -27.20 -1.02 -4.41
CA SER B 44 -26.06 -1.50 -3.58
C SER B 44 -26.32 -1.26 -2.09
N HIS B 45 -27.08 -0.22 -1.75
CA HIS B 45 -27.31 0.29 -0.37
C HIS B 45 -26.00 0.71 0.29
N MET B 46 -25.00 1.13 -0.50
CA MET B 46 -23.76 1.73 0.05
C MET B 46 -24.11 3.07 0.72
N LEU B 47 -25.10 3.79 0.20
CA LEU B 47 -25.63 5.04 0.81
C LEU B 47 -26.97 4.72 1.49
N LYS B 48 -27.12 5.08 2.76
CA LYS B 48 -28.31 4.73 3.59
C LYS B 48 -29.29 5.90 3.61
N GLY B 49 -28.83 7.14 3.38
CA GLY B 49 -29.67 8.35 3.41
C GLY B 49 -30.23 8.70 2.04
N ALA B 50 -31.54 8.91 1.94
CA ALA B 50 -32.25 9.34 0.71
C ALA B 50 -31.63 10.65 0.18
N ASP B 51 -31.25 11.55 1.09
CA ASP B 51 -30.67 12.88 0.77
C ASP B 51 -29.33 12.67 0.01
N THR B 52 -28.46 11.77 0.49
CA THR B 52 -27.14 11.49 -0.14
C THR B 52 -27.36 10.86 -1.51
N VAL B 53 -28.26 9.87 -1.61
CA VAL B 53 -28.59 9.17 -2.89
C VAL B 53 -29.03 10.21 -3.91
N GLU B 54 -29.96 11.11 -3.54
CA GLU B 54 -30.49 12.13 -4.47
C GLU B 54 -29.36 13.11 -4.86
N HIS B 55 -28.52 13.51 -3.90
CA HIS B 55 -27.36 14.40 -4.15
C HIS B 55 -26.44 13.77 -5.20
N PHE B 56 -26.22 12.46 -5.10
CA PHE B 56 -25.41 11.68 -6.09
C PHE B 56 -26.10 11.68 -7.46
N ARG B 57 -27.41 11.43 -7.51
CA ARG B 57 -28.20 11.47 -8.78
C ARG B 57 -27.97 12.83 -9.45
N ARG B 58 -28.09 13.92 -8.68
CA ARG B 58 -27.97 15.32 -9.18
C ARG B 58 -26.53 15.63 -9.62
N SER B 59 -25.54 15.01 -8.95
CA SER B 59 -24.09 15.21 -9.19
C SER B 59 -23.67 14.67 -10.57
N LYS B 60 -24.41 13.69 -11.10
CA LYS B 60 -24.21 13.09 -12.45
C LYS B 60 -22.79 12.51 -12.54
N ILE B 61 -22.45 11.60 -11.62
CA ILE B 61 -21.10 10.98 -11.52
C ILE B 61 -20.73 10.30 -12.84
N GLY B 62 -21.71 9.79 -13.57
CA GLY B 62 -21.51 9.18 -14.90
C GLY B 62 -20.98 10.16 -15.93
N THR B 63 -21.25 11.46 -15.79
CA THR B 63 -20.71 12.48 -16.73
C THR B 63 -19.21 12.65 -16.43
N LEU B 64 -18.76 12.49 -15.18
CA LEU B 64 -17.31 12.49 -14.87
C LEU B 64 -16.67 11.26 -15.53
N ALA B 65 -17.26 10.08 -15.37
CA ALA B 65 -16.77 8.83 -16.02
C ALA B 65 -16.66 9.04 -17.52
N ALA B 66 -17.70 9.64 -18.13
CA ALA B 66 -17.83 9.83 -19.59
C ALA B 66 -16.80 10.85 -20.09
N ARG B 67 -16.54 11.91 -19.32
CA ARG B 67 -15.58 12.98 -19.70
C ARG B 67 -14.14 12.50 -19.51
N THR B 68 -13.87 11.67 -18.50
CA THR B 68 -12.51 11.18 -18.15
C THR B 68 -12.15 9.96 -19.00
N ASN B 69 -13.16 9.27 -19.56
CA ASN B 69 -12.94 8.05 -20.39
C ASN B 69 -13.77 8.17 -21.67
N PRO B 70 -13.52 9.18 -22.52
CA PRO B 70 -14.39 9.45 -23.67
C PRO B 70 -14.31 8.45 -24.83
N THR B 71 -13.26 7.60 -24.89
CA THR B 71 -12.99 6.68 -26.03
C THR B 71 -13.51 5.26 -25.77
N VAL B 72 -13.79 4.88 -24.53
CA VAL B 72 -13.96 3.45 -24.15
C VAL B 72 -15.34 2.96 -24.60
N PRO B 73 -15.47 1.65 -24.92
CA PRO B 73 -16.78 1.08 -25.24
C PRO B 73 -17.74 1.14 -24.05
N ARG B 74 -19.04 0.96 -24.32
CA ARG B 74 -20.13 1.15 -23.33
C ARG B 74 -19.89 0.29 -22.09
N ASP B 75 -19.49 -0.97 -22.26
CA ASP B 75 -19.28 -1.92 -21.13
C ASP B 75 -18.14 -1.41 -20.24
N SER B 76 -17.05 -0.93 -20.84
CA SER B 76 -15.91 -0.32 -20.09
C SER B 76 -16.41 0.91 -19.33
N LEU B 77 -17.19 1.78 -19.96
CA LEU B 77 -17.69 3.01 -19.31
C LEU B 77 -18.56 2.63 -18.10
N ARG B 78 -19.41 1.63 -18.25
CA ARG B 78 -20.34 1.21 -17.16
C ARG B 78 -19.54 0.67 -15.97
N LEU B 79 -18.52 -0.16 -16.23
CA LEU B 79 -17.66 -0.73 -15.17
C LEU B 79 -16.94 0.42 -14.43
N ILE B 80 -16.37 1.35 -15.19
CA ILE B 80 -15.59 2.49 -14.63
C ILE B 80 -16.56 3.40 -13.84
N ASN B 81 -17.75 3.66 -14.38
CA ASN B 81 -18.78 4.49 -13.72
C ASN B 81 -19.21 3.85 -12.39
N ASP B 82 -19.40 2.53 -12.36
CA ASP B 82 -19.75 1.79 -11.12
C ASP B 82 -18.63 1.98 -10.11
N TRP B 83 -17.38 1.88 -10.56
CA TRP B 83 -16.18 2.06 -9.70
C TRP B 83 -16.17 3.50 -9.15
N TYR B 84 -16.40 4.51 -9.99
CA TYR B 84 -16.46 5.92 -9.54
C TYR B 84 -17.53 6.05 -8.45
N ASN B 85 -18.72 5.48 -8.69
CA ASN B 85 -19.84 5.53 -7.71
C ASN B 85 -19.39 4.89 -6.40
N TRP B 86 -18.67 3.76 -6.44
CA TRP B 86 -18.12 3.09 -5.23
C TRP B 86 -17.22 4.07 -4.46
N LEU B 87 -16.27 4.70 -5.15
CA LEU B 87 -15.29 5.64 -4.54
C LEU B 87 -16.01 6.84 -3.89
N PHE B 88 -16.91 7.50 -4.64
CA PHE B 88 -17.65 8.69 -4.13
C PHE B 88 -18.45 8.29 -2.88
N ALA B 89 -19.12 7.15 -2.93
CA ALA B 89 -19.92 6.62 -1.80
C ALA B 89 -18.99 6.36 -0.61
N PHE B 90 -17.86 5.70 -0.83
CA PHE B 90 -16.90 5.31 0.24
C PHE B 90 -16.37 6.59 0.88
N ASP B 91 -16.01 7.56 0.04
CA ASP B 91 -15.50 8.89 0.46
C ASP B 91 -16.50 9.54 1.42
N ASP B 92 -17.78 9.59 1.05
CA ASP B 92 -18.80 10.38 1.79
C ASP B 92 -19.33 9.58 2.99
N ALA B 93 -19.57 8.28 2.83
CA ALA B 93 -20.31 7.48 3.84
C ALA B 93 -19.34 6.91 4.89
N PHE B 94 -18.12 6.55 4.50
CA PHE B 94 -17.16 5.83 5.39
C PHE B 94 -16.01 6.76 5.81
N CYS B 95 -15.27 7.32 4.86
CA CYS B 95 -13.98 8.03 5.11
C CYS B 95 -14.21 9.36 5.84
N GLU B 96 -15.17 10.17 5.38
CA GLU B 96 -15.39 11.56 5.88
C GLU B 96 -16.73 11.69 6.61
N GLY B 97 -17.59 10.67 6.59
CA GLY B 97 -19.00 10.77 6.99
C GLY B 97 -19.25 10.36 8.44
N GLU B 98 -18.26 9.73 9.10
CA GLU B 98 -18.45 9.08 10.42
C GLU B 98 -17.37 9.57 11.40
N LEU B 99 -17.65 9.47 12.69
CA LEU B 99 -16.67 9.75 13.79
C LEU B 99 -15.52 8.75 13.72
N MET B 100 -15.72 7.56 13.14
CA MET B 100 -14.66 6.55 12.93
C MET B 100 -13.49 7.20 12.17
N GLY B 101 -13.80 8.10 11.23
CA GLY B 101 -12.81 8.84 10.42
C GLY B 101 -12.05 9.88 11.21
N HIS B 102 -12.38 10.08 12.50
CA HIS B 102 -11.68 11.03 13.41
C HIS B 102 -10.74 10.29 14.37
N ARG B 103 -10.53 8.98 14.16
CA ARG B 103 -9.63 8.15 14.99
C ARG B 103 -8.89 7.17 14.07
N ALA B 104 -7.58 7.35 13.95
CA ALA B 104 -6.71 6.54 13.05
C ALA B 104 -6.85 5.06 13.43
N SER B 105 -6.86 4.75 14.73
CA SER B 105 -6.86 3.35 15.25
C SER B 105 -8.16 2.66 14.83
N ALA B 106 -9.28 3.39 14.81
CA ALA B 106 -10.61 2.83 14.43
C ALA B 106 -10.63 2.52 12.93
N LEU B 107 -10.21 3.47 12.08
CA LEU B 107 -10.25 3.28 10.61
C LEU B 107 -9.27 2.15 10.23
N ALA B 108 -8.07 2.14 10.81
CA ALA B 108 -7.02 1.13 10.53
C ALA B 108 -7.57 -0.28 10.82
N ARG B 109 -8.29 -0.45 11.92
CA ARG B 109 -8.80 -1.78 12.36
C ARG B 109 -10.03 -2.20 11.54
N ALA B 110 -10.68 -1.26 10.85
CA ALA B 110 -11.87 -1.52 10.01
C ALA B 110 -11.47 -2.07 8.63
N LEU B 111 -10.23 -1.87 8.19
CA LEU B 111 -9.79 -2.14 6.79
C LEU B 111 -9.57 -3.63 6.49
N PRO B 112 -9.00 -4.46 7.39
CA PRO B 112 -8.70 -5.85 7.04
C PRO B 112 -9.85 -6.63 6.38
N PRO B 113 -11.10 -6.58 6.88
CA PRO B 113 -12.20 -7.27 6.20
C PRO B 113 -12.31 -6.87 4.71
N LEU B 114 -12.20 -5.57 4.42
CA LEU B 114 -12.29 -5.03 3.04
C LEU B 114 -11.07 -5.50 2.22
N LEU B 115 -9.87 -5.51 2.82
CA LEU B 115 -8.62 -5.97 2.14
C LEU B 115 -8.76 -7.45 1.76
N GLU B 116 -9.38 -8.26 2.62
CA GLU B 116 -9.56 -9.73 2.40
C GLU B 116 -10.51 -9.95 1.21
N ILE B 117 -11.53 -9.12 1.06
CA ILE B 117 -12.49 -9.15 -0.08
C ILE B 117 -11.74 -8.77 -1.36
N LEU B 118 -10.96 -7.68 -1.31
CA LEU B 118 -10.13 -7.19 -2.44
C LEU B 118 -9.18 -8.29 -2.90
N ASP B 119 -8.65 -9.10 -1.98
CA ASP B 119 -7.70 -10.21 -2.28
C ASP B 119 -8.45 -11.42 -2.86
N GLY B 120 -9.78 -11.45 -2.73
CA GLY B 120 -10.66 -12.51 -3.25
C GLY B 120 -10.67 -13.74 -2.36
N ARG B 121 -10.32 -13.60 -1.08
CA ARG B 121 -10.19 -14.74 -0.13
C ARG B 121 -11.30 -14.70 0.95
N ARG B 122 -12.28 -13.80 0.82
CA ARG B 122 -13.41 -13.70 1.79
C ARG B 122 -14.72 -13.41 1.04
N GLU B 123 -15.77 -14.15 1.35
CA GLU B 123 -17.17 -13.85 0.97
C GLU B 123 -17.66 -12.72 1.88
N PRO B 124 -18.10 -11.56 1.33
CA PRO B 124 -18.60 -10.47 2.18
C PRO B 124 -19.87 -10.87 2.94
N ASP B 125 -20.08 -10.30 4.13
CA ASP B 125 -21.32 -10.45 4.91
C ASP B 125 -22.50 -9.91 4.09
N GLY B 126 -23.70 -10.45 4.31
CA GLY B 126 -24.93 -10.09 3.57
C GLY B 126 -25.28 -8.62 3.74
N SER B 127 -24.84 -7.99 4.84
CA SER B 127 -25.16 -6.59 5.21
C SER B 127 -24.01 -5.63 4.85
N ASP B 128 -22.87 -6.14 4.36
CA ASP B 128 -21.66 -5.35 4.05
C ASP B 128 -21.79 -4.77 2.63
N ALA B 129 -22.48 -3.63 2.50
CA ALA B 129 -22.79 -2.99 1.19
C ALA B 129 -21.49 -2.74 0.40
N PHE B 130 -20.47 -2.12 1.01
CA PHE B 130 -19.20 -1.75 0.32
C PHE B 130 -18.43 -3.02 -0.08
N GLY B 131 -18.36 -4.00 0.81
CA GLY B 131 -17.72 -5.31 0.55
C GLY B 131 -18.37 -6.04 -0.61
N LEU B 132 -19.71 -6.16 -0.61
CA LEU B 132 -20.46 -6.87 -1.68
C LEU B 132 -20.20 -6.20 -3.03
N ALA B 133 -20.26 -4.87 -3.09
CA ALA B 133 -20.05 -4.08 -4.32
C ALA B 133 -18.59 -4.21 -4.78
N LEU B 134 -17.62 -4.15 -3.86
CA LEU B 134 -16.18 -4.27 -4.21
C LEU B 134 -15.89 -5.65 -4.79
N LYS B 135 -16.46 -6.71 -4.21
CA LYS B 135 -16.29 -8.11 -4.70
C LYS B 135 -16.79 -8.18 -6.15
N GLU B 136 -17.99 -7.63 -6.41
CA GLU B 136 -18.59 -7.63 -7.77
C GLU B 136 -17.66 -6.91 -8.74
N LEU B 137 -17.13 -5.75 -8.36
CA LEU B 137 -16.25 -4.94 -9.25
C LEU B 137 -14.94 -5.69 -9.50
N LEU B 138 -14.36 -6.32 -8.46
CA LEU B 138 -13.13 -7.13 -8.61
C LEU B 138 -13.35 -8.20 -9.68
N HIS B 139 -14.47 -8.92 -9.60
CA HIS B 139 -14.83 -10.02 -10.55
C HIS B 139 -15.02 -9.43 -11.96
N ARG B 140 -15.73 -8.32 -12.08
CA ARG B 140 -16.00 -7.68 -13.41
C ARG B 140 -14.70 -7.18 -14.02
N ILE B 141 -13.79 -6.62 -13.22
CA ILE B 141 -12.46 -6.14 -13.72
C ILE B 141 -11.64 -7.37 -14.14
N SER B 142 -11.65 -8.44 -13.35
CA SER B 142 -10.89 -9.70 -13.60
C SER B 142 -11.32 -10.33 -14.93
N ASP B 143 -12.59 -10.14 -15.33
CA ASP B 143 -13.14 -10.72 -16.59
C ASP B 143 -12.51 -10.04 -17.82
N VAL B 144 -11.98 -8.82 -17.68
CA VAL B 144 -11.53 -8.00 -18.85
C VAL B 144 -10.09 -7.51 -18.64
N ALA B 145 -9.37 -8.03 -17.65
CA ALA B 145 -7.98 -7.62 -17.32
C ALA B 145 -7.12 -8.85 -17.05
N SER B 146 -5.87 -8.84 -17.50
CA SER B 146 -4.83 -9.84 -17.16
C SER B 146 -4.58 -9.80 -15.65
N PRO B 147 -4.07 -10.91 -15.06
CA PRO B 147 -3.67 -10.91 -13.65
C PRO B 147 -2.79 -9.73 -13.23
N ALA B 148 -1.79 -9.34 -14.04
CA ALA B 148 -0.88 -8.22 -13.74
C ALA B 148 -1.66 -6.90 -13.70
N GLN B 149 -2.64 -6.72 -14.59
CA GLN B 149 -3.52 -5.52 -14.64
C GLN B 149 -4.40 -5.50 -13.38
N VAL B 150 -4.97 -6.64 -13.00
CA VAL B 150 -5.83 -6.76 -11.77
C VAL B 150 -5.00 -6.39 -10.54
N ASP B 151 -3.80 -6.96 -10.41
CA ASP B 151 -2.89 -6.71 -9.25
C ASP B 151 -2.47 -5.24 -9.25
N ARG B 152 -2.24 -4.65 -10.42
CA ARG B 152 -1.90 -3.20 -10.55
C ARG B 152 -3.05 -2.38 -9.92
N TRP B 153 -4.29 -2.64 -10.35
CA TRP B 153 -5.50 -1.96 -9.81
C TRP B 153 -5.60 -2.23 -8.30
N ARG B 154 -5.50 -3.49 -7.89
CA ARG B 154 -5.60 -3.89 -6.45
C ARG B 154 -4.61 -3.08 -5.61
N THR B 155 -3.35 -2.99 -6.05
CA THR B 155 -2.27 -2.23 -5.35
C THR B 155 -2.72 -0.78 -5.13
N THR B 156 -3.25 -0.12 -6.16
CA THR B 156 -3.68 1.30 -6.09
C THR B 156 -4.84 1.42 -5.09
N VAL B 157 -5.74 0.44 -5.05
CA VAL B 157 -6.90 0.47 -4.11
C VAL B 157 -6.37 0.36 -2.66
N LYS B 158 -5.43 -0.55 -2.40
CA LYS B 158 -4.87 -0.77 -1.04
C LYS B 158 -4.20 0.52 -0.55
N GLU B 159 -3.40 1.18 -1.40
CA GLU B 159 -2.68 2.42 -1.00
C GLU B 159 -3.72 3.51 -0.70
N TYR B 160 -4.78 3.58 -1.50
CA TYR B 160 -5.90 4.54 -1.33
C TYR B 160 -6.55 4.29 0.04
N LEU B 161 -6.86 3.04 0.36
CA LEU B 161 -7.50 2.65 1.65
C LEU B 161 -6.57 3.04 2.81
N PHE B 162 -5.30 2.68 2.74
CA PHE B 162 -4.28 3.00 3.78
C PHE B 162 -4.17 4.53 3.95
N ALA B 163 -4.22 5.28 2.84
CA ALA B 163 -4.15 6.76 2.83
C ALA B 163 -5.29 7.35 3.67
N GLN B 164 -6.44 6.68 3.77
CA GLN B 164 -7.59 7.18 4.57
C GLN B 164 -7.23 7.19 6.06
N ILE B 165 -6.33 6.31 6.50
CA ILE B 165 -5.88 6.25 7.93
C ILE B 165 -5.08 7.52 8.21
N TRP B 166 -4.23 7.93 7.27
CA TRP B 166 -3.43 9.17 7.41
C TRP B 166 -4.36 10.37 7.61
N GLU B 167 -5.43 10.47 6.81
CA GLU B 167 -6.44 11.55 6.97
C GLU B 167 -7.02 11.47 8.39
N ALA B 168 -7.43 10.27 8.82
CA ALA B 168 -8.01 10.06 10.16
C ALA B 168 -7.02 10.53 11.24
N ALA B 169 -5.73 10.23 11.06
CA ALA B 169 -4.63 10.63 11.97
C ALA B 169 -4.62 12.15 12.15
N ASN B 170 -4.69 12.92 11.05
CA ASN B 170 -4.72 14.40 11.04
C ASN B 170 -5.98 14.89 11.77
N ARG B 171 -7.14 14.28 11.50
CA ARG B 171 -8.41 14.64 12.17
C ARG B 171 -8.28 14.41 13.68
N GLU B 172 -7.67 13.30 14.08
CA GLU B 172 -7.58 12.88 15.50
C GLU B 172 -6.82 13.93 16.33
N VAL B 173 -5.70 14.45 15.80
CA VAL B 173 -4.80 15.40 16.52
C VAL B 173 -5.20 16.85 16.18
N ASP B 174 -6.20 17.02 15.32
CA ASP B 174 -6.75 18.35 14.91
C ASP B 174 -5.61 19.25 14.43
N LEU B 175 -4.81 18.78 13.49
CA LEU B 175 -3.76 19.59 12.83
C LEU B 175 -4.06 19.66 11.33
N ILE B 176 -3.66 20.75 10.68
CA ILE B 176 -3.69 20.87 9.20
C ILE B 176 -2.34 20.35 8.72
N PRO B 177 -2.31 19.37 7.79
CA PRO B 177 -1.05 18.77 7.38
C PRO B 177 -0.15 19.79 6.66
N THR B 178 1.16 19.60 6.70
CA THR B 178 2.14 20.52 6.08
C THR B 178 2.07 20.35 4.55
N PRO B 179 2.45 21.38 3.77
CA PRO B 179 2.45 21.27 2.31
C PRO B 179 3.17 20.03 1.75
N ASP B 180 4.38 19.74 2.24
CA ASP B 180 5.22 18.61 1.75
C ASP B 180 4.52 17.27 2.02
N ASP B 181 4.02 17.06 3.24
CA ASP B 181 3.28 15.82 3.60
C ASP B 181 2.01 15.74 2.76
N TYR B 182 1.27 16.84 2.66
CA TYR B 182 -0.07 16.86 2.02
C TYR B 182 0.06 16.55 0.52
N VAL B 183 0.98 17.22 -0.20
CA VAL B 183 1.05 17.05 -1.68
C VAL B 183 1.45 15.61 -2.01
N LEU B 184 2.28 14.99 -1.17
CA LEU B 184 2.67 13.56 -1.33
C LEU B 184 1.43 12.68 -1.13
N MET B 185 0.75 12.80 0.01
CA MET B 185 -0.34 11.87 0.41
C MET B 185 -1.59 12.15 -0.45
N ARG B 186 -1.75 13.37 -0.96
CA ARG B 186 -2.92 13.74 -1.80
C ARG B 186 -2.95 12.88 -3.07
N ARG B 187 -1.79 12.42 -3.55
CA ARG B 187 -1.71 11.54 -4.76
C ARG B 187 -2.45 10.22 -4.50
N ILE B 188 -2.60 9.78 -3.24
CA ILE B 188 -3.25 8.47 -2.94
C ILE B 188 -4.53 8.65 -2.12
N THR B 189 -4.79 9.80 -1.47
CA THR B 189 -6.05 9.99 -0.68
C THR B 189 -7.26 10.08 -1.61
N GLY B 190 -7.07 10.45 -2.89
CA GLY B 190 -8.16 10.77 -3.84
C GLY B 190 -8.48 9.64 -4.81
N ALA B 191 -7.71 8.54 -4.79
CA ALA B 191 -7.96 7.29 -5.55
C ALA B 191 -7.78 7.49 -7.06
N THR B 192 -7.13 8.59 -7.49
CA THR B 192 -6.93 8.88 -8.94
C THR B 192 -6.17 7.72 -9.60
N TYR B 193 -5.11 7.21 -8.98
CA TYR B 193 -4.28 6.10 -9.53
C TYR B 193 -5.16 4.87 -9.80
N THR B 194 -6.23 4.65 -9.01
CA THR B 194 -7.14 3.47 -9.20
C THR B 194 -7.91 3.64 -10.51
N CYS B 195 -8.10 4.87 -10.98
CA CYS B 195 -8.82 5.18 -12.24
C CYS B 195 -7.83 5.12 -13.41
N PHE B 196 -6.61 5.64 -13.24
CA PHE B 196 -5.53 5.53 -14.26
C PHE B 196 -5.23 4.05 -14.54
N ALA B 197 -5.37 3.20 -13.52
CA ALA B 197 -5.10 1.74 -13.59
C ALA B 197 -6.08 1.06 -14.54
N LEU B 198 -7.20 1.70 -14.87
CA LEU B 198 -8.27 1.09 -15.73
C LEU B 198 -8.28 1.73 -17.12
N ILE B 199 -7.35 2.64 -17.44
CA ILE B 199 -7.30 3.30 -18.77
C ILE B 199 -7.06 2.24 -19.86
N ASP B 200 -5.98 1.44 -19.75
CA ASP B 200 -5.66 0.42 -20.78
C ASP B 200 -6.74 -0.67 -20.77
N VAL B 201 -7.14 -1.12 -19.58
CA VAL B 201 -8.24 -2.14 -19.39
C VAL B 201 -9.49 -1.65 -20.12
N GLY B 202 -9.92 -0.42 -19.82
CA GLY B 202 -11.12 0.18 -20.43
C GLY B 202 -11.00 0.28 -21.94
N GLY B 203 -9.81 0.62 -22.44
CA GLY B 203 -9.53 0.77 -23.87
C GLY B 203 -9.34 -0.56 -24.58
N GLY B 204 -9.27 -1.66 -23.83
CA GLY B 204 -9.09 -3.03 -24.37
C GLY B 204 -7.67 -3.27 -24.87
N TYR B 205 -6.65 -2.62 -24.28
CA TYR B 205 -5.23 -2.87 -24.57
C TYR B 205 -4.47 -3.07 -23.25
N ARG B 206 -3.19 -3.43 -23.34
CA ARG B 206 -2.37 -3.83 -22.18
C ARG B 206 -0.97 -3.24 -22.34
N LEU B 207 -0.61 -2.24 -21.53
CA LEU B 207 0.78 -1.75 -21.45
C LEU B 207 1.63 -2.88 -20.86
N GLU B 208 2.76 -3.17 -21.51
CA GLU B 208 3.81 -4.09 -20.99
C GLU B 208 4.38 -3.49 -19.71
N ALA B 209 4.96 -4.33 -18.85
CA ALA B 209 5.54 -3.94 -17.54
C ALA B 209 6.52 -2.77 -17.72
N GLU B 210 7.46 -2.86 -18.67
CA GLU B 210 8.53 -1.82 -18.76
C GLU B 210 7.99 -0.57 -19.48
N GLU B 211 6.84 -0.65 -20.15
CA GLU B 211 6.08 0.54 -20.63
C GLU B 211 5.41 1.23 -19.43
N TRP B 212 4.60 0.48 -18.68
CA TRP B 212 3.87 0.99 -17.48
C TRP B 212 4.85 1.67 -16.50
N HIS B 213 5.95 1.00 -16.20
CA HIS B 213 6.93 1.38 -15.14
C HIS B 213 8.03 2.28 -15.71
N HIS B 214 8.00 2.63 -17.00
CA HIS B 214 8.99 3.57 -17.60
C HIS B 214 8.93 4.89 -16.83
N PRO B 215 10.09 5.45 -16.40
CA PRO B 215 10.11 6.69 -15.64
C PRO B 215 9.31 7.85 -16.26
N ASP B 216 9.33 7.97 -17.58
CA ASP B 216 8.55 9.00 -18.33
C ASP B 216 7.05 8.79 -18.10
N VAL B 217 6.58 7.54 -18.17
CA VAL B 217 5.13 7.20 -18.01
C VAL B 217 4.73 7.43 -16.55
N ARG B 218 5.57 7.00 -15.61
CA ARG B 218 5.33 7.20 -14.15
C ARG B 218 5.26 8.69 -13.85
N THR B 219 6.17 9.50 -14.43
CA THR B 219 6.25 10.96 -14.19
C THR B 219 4.98 11.64 -14.71
N LEU B 220 4.56 11.33 -15.94
CA LEU B 220 3.32 11.92 -16.52
C LEU B 220 2.11 11.52 -15.67
N SER B 221 2.06 10.27 -15.21
CA SER B 221 0.95 9.76 -14.35
C SER B 221 0.92 10.55 -13.03
N ASP B 222 2.09 10.76 -12.43
CA ASP B 222 2.23 11.48 -11.13
C ASP B 222 1.82 12.94 -11.32
N LEU B 223 2.22 13.59 -12.41
CA LEU B 223 1.87 15.02 -12.67
C LEU B 223 0.36 15.15 -12.89
N ALA B 224 -0.23 14.22 -13.66
CA ALA B 224 -1.69 14.17 -13.92
C ALA B 224 -2.42 13.99 -12.58
N CYS B 225 -1.90 13.12 -11.73
CA CYS B 225 -2.49 12.80 -10.40
C CYS B 225 -2.46 14.07 -9.53
N ASP B 226 -1.32 14.77 -9.52
CA ASP B 226 -1.17 16.08 -8.81
C ASP B 226 -2.26 17.04 -9.32
N LEU B 227 -2.38 17.20 -10.64
CA LEU B 227 -3.33 18.14 -11.26
C LEU B 227 -4.75 17.81 -10.79
N ILE B 228 -5.16 16.54 -10.82
CA ILE B 228 -6.56 16.16 -10.49
C ILE B 228 -6.80 16.45 -9.00
N GLY B 229 -5.86 16.08 -8.12
CA GLY B 229 -5.95 16.38 -6.68
C GLY B 229 -6.07 17.87 -6.41
N TRP B 230 -5.23 18.70 -7.03
CA TRP B 230 -5.19 20.15 -6.75
C TRP B 230 -6.43 20.83 -7.35
N ASP B 231 -6.86 20.41 -8.54
CA ASP B 231 -8.05 20.97 -9.22
C ASP B 231 -9.27 20.66 -8.36
N ASN B 232 -9.38 19.42 -7.87
CA ASN B 232 -10.47 19.03 -6.94
C ASN B 232 -10.41 19.90 -5.69
N ASP B 233 -9.21 20.07 -5.11
CA ASP B 233 -9.05 20.88 -3.87
C ASP B 233 -9.61 22.29 -4.12
N LEU B 234 -9.25 22.91 -5.25
CA LEU B 234 -9.71 24.29 -5.57
C LEU B 234 -11.25 24.33 -5.57
N LEU B 235 -11.90 23.43 -6.32
CA LEU B 235 -13.34 23.54 -6.62
C LEU B 235 -14.17 22.90 -5.50
N SER B 236 -13.63 21.91 -4.79
CA SER B 236 -14.35 21.22 -3.68
C SER B 236 -14.14 21.97 -2.36
N TYR B 237 -13.32 23.03 -2.35
CA TYR B 237 -12.98 23.80 -1.13
C TYR B 237 -14.27 24.23 -0.39
N ALA B 238 -15.20 24.88 -1.09
CA ALA B 238 -16.41 25.48 -0.48
C ALA B 238 -17.22 24.40 0.26
N LYS B 239 -17.51 23.26 -0.37
CA LYS B 239 -18.34 22.21 0.26
C LYS B 239 -17.55 21.55 1.40
N GLU B 240 -16.22 21.52 1.30
CA GLU B 240 -15.36 20.87 2.33
C GLU B 240 -15.31 21.73 3.60
N ARG B 241 -15.57 23.04 3.51
CA ARG B 241 -15.64 23.90 4.73
C ARG B 241 -16.76 23.40 5.65
N GLY B 242 -17.79 22.77 5.08
CA GLY B 242 -18.96 22.24 5.82
C GLY B 242 -18.68 20.97 6.59
N ASN B 243 -17.50 20.35 6.39
CA ASN B 243 -17.11 19.05 6.99
C ASN B 243 -15.65 19.13 7.44
N ASP B 244 -15.41 19.25 8.75
CA ASP B 244 -14.06 19.17 9.38
C ASP B 244 -13.16 20.27 8.80
N LYS B 245 -13.71 21.47 8.61
CA LYS B 245 -13.01 22.75 8.29
C LYS B 245 -12.05 22.57 7.10
N ALA B 246 -12.43 21.77 6.09
CA ALA B 246 -11.69 21.58 4.83
C ALA B 246 -10.21 21.26 5.12
N ARG B 247 -9.97 20.41 6.11
CA ARG B 247 -8.61 20.05 6.61
C ARG B 247 -7.75 19.50 5.47
N HIS B 248 -8.31 18.60 4.66
CA HIS B 248 -7.59 17.89 3.57
C HIS B 248 -7.89 18.61 2.25
N ASN B 249 -7.21 19.72 2.07
CA ASN B 249 -7.45 20.65 0.94
C ASN B 249 -6.23 21.55 0.80
N LEU B 250 -5.60 21.55 -0.38
CA LEU B 250 -4.38 22.35 -0.64
C LEU B 250 -4.63 23.83 -0.28
N VAL B 251 -5.84 24.35 -0.51
CA VAL B 251 -6.20 25.77 -0.20
C VAL B 251 -5.98 26.00 1.30
N THR B 252 -6.57 25.17 2.14
CA THR B 252 -6.45 25.24 3.63
C THR B 252 -4.98 25.07 4.03
N VAL B 253 -4.29 24.09 3.43
CA VAL B 253 -2.87 23.73 3.72
C VAL B 253 -1.98 24.96 3.45
N LEU B 254 -2.09 25.58 2.28
CA LEU B 254 -1.25 26.74 1.89
C LEU B 254 -1.65 27.97 2.71
N ALA B 255 -2.95 28.25 2.88
CA ALA B 255 -3.42 29.40 3.67
C ALA B 255 -2.85 29.30 5.10
N THR B 256 -2.90 28.11 5.70
CA THR B 256 -2.44 27.87 7.09
C THR B 256 -0.91 28.02 7.16
N HIS B 257 -0.17 27.27 6.35
CA HIS B 257 1.30 27.07 6.54
C HIS B 257 2.11 28.14 5.80
N LYS B 258 1.50 28.87 4.86
CA LYS B 258 2.22 29.96 4.14
C LYS B 258 1.60 31.32 4.50
N SER B 259 0.72 31.34 5.50
CA SER B 259 0.08 32.58 6.03
C SER B 259 -0.51 33.39 4.89
N LEU B 260 -1.30 32.74 4.02
CA LEU B 260 -1.98 33.40 2.88
C LEU B 260 -3.44 33.68 3.26
N THR B 261 -4.00 34.75 2.70
CA THR B 261 -5.47 34.96 2.64
C THR B 261 -6.07 33.81 1.81
N LEU B 262 -7.34 33.49 2.04
CA LEU B 262 -8.07 32.48 1.23
C LEU B 262 -7.89 32.82 -0.26
N GLN B 263 -8.08 34.08 -0.64
CA GLN B 263 -7.99 34.51 -2.06
C GLN B 263 -6.59 34.18 -2.61
N ASP B 264 -5.54 34.50 -1.87
CA ASP B 264 -4.13 34.27 -2.31
C ASP B 264 -3.85 32.76 -2.36
N ALA B 265 -4.46 31.97 -1.46
CA ALA B 265 -4.31 30.49 -1.45
C ALA B 265 -4.95 29.89 -2.71
N LEU B 266 -6.12 30.37 -3.12
CA LEU B 266 -6.79 29.93 -4.38
C LEU B 266 -5.86 30.21 -5.56
N LEU B 267 -5.26 31.40 -5.61
CA LEU B 267 -4.37 31.83 -6.74
C LEU B 267 -3.10 30.97 -6.73
N GLU B 268 -2.55 30.64 -5.55
CA GLU B 268 -1.33 29.80 -5.46
C GLU B 268 -1.62 28.38 -5.92
N VAL B 269 -2.81 27.83 -5.61
CA VAL B 269 -3.21 26.49 -6.12
C VAL B 269 -3.24 26.52 -7.65
N ALA B 270 -3.83 27.58 -8.24
CA ALA B 270 -3.88 27.78 -9.71
C ALA B 270 -2.47 27.88 -10.28
N GLN B 271 -1.57 28.60 -9.59
CA GLN B 271 -0.15 28.75 -10.02
C GLN B 271 0.51 27.35 -10.04
N MET B 272 0.27 26.54 -9.01
CA MET B 272 0.86 25.17 -8.93
C MET B 272 0.28 24.31 -10.06
N HIS B 273 -1.00 24.46 -10.35
CA HIS B 273 -1.68 23.80 -11.50
C HIS B 273 -0.90 24.11 -12.79
N ASN B 274 -0.69 25.39 -13.08
CA ASN B 274 0.00 25.85 -14.33
C ASN B 274 1.42 25.27 -14.36
N ASP B 275 2.14 25.28 -13.22
CA ASP B 275 3.51 24.72 -13.12
C ASP B 275 3.51 23.24 -13.48
N ALA B 276 2.51 22.48 -13.00
CA ALA B 276 2.42 21.01 -13.22
C ALA B 276 2.08 20.72 -14.69
N VAL B 277 1.22 21.54 -15.30
CA VAL B 277 0.85 21.41 -16.74
C VAL B 277 2.12 21.60 -17.56
N ALA B 278 2.91 22.64 -17.26
CA ALA B 278 4.17 22.95 -17.97
C ALA B 278 5.15 21.77 -17.84
N ALA B 279 5.25 21.19 -16.64
CA ALA B 279 6.13 20.03 -16.36
C ALA B 279 5.65 18.82 -17.16
N PHE B 280 4.32 18.63 -17.26
CA PHE B 280 3.70 17.55 -18.07
C PHE B 280 4.16 17.70 -19.53
N LEU B 281 4.08 18.91 -20.09
CA LEU B 281 4.47 19.19 -21.50
C LEU B 281 5.97 18.93 -21.69
N ASP B 282 6.81 19.33 -20.74
CA ASP B 282 8.28 19.11 -20.75
C ASP B 282 8.56 17.60 -20.84
N ARG B 283 7.95 16.80 -19.96
CA ARG B 283 8.21 15.34 -19.88
C ARG B 283 7.57 14.64 -21.09
N ARG B 284 6.41 15.11 -21.56
CA ARG B 284 5.70 14.50 -22.72
C ARG B 284 6.60 14.60 -23.96
N ALA B 285 7.36 15.69 -24.10
CA ALA B 285 8.31 15.92 -25.21
C ALA B 285 9.37 14.80 -25.23
N ALA B 286 9.87 14.38 -24.07
CA ALA B 286 10.86 13.30 -23.93
C ALA B 286 10.22 11.95 -24.28
N LEU B 287 9.00 11.71 -23.77
CA LEU B 287 8.24 10.45 -24.00
C LEU B 287 7.95 10.29 -25.49
N ASP B 288 7.62 11.39 -26.18
CA ASP B 288 7.28 11.42 -27.63
C ASP B 288 8.39 10.75 -28.45
N ARG B 289 9.64 10.76 -27.98
CA ARG B 289 10.82 10.30 -28.76
C ARG B 289 10.86 8.76 -28.85
N TRP B 290 10.25 8.03 -27.91
CA TRP B 290 10.27 6.53 -27.88
C TRP B 290 8.86 5.92 -27.85
N ALA B 291 7.83 6.68 -27.47
CA ALA B 291 6.49 6.15 -27.09
C ALA B 291 5.95 5.20 -28.17
N THR B 292 5.55 4.01 -27.74
CA THR B 292 4.80 3.01 -28.54
C THR B 292 3.34 3.46 -28.63
N LEU B 293 2.53 2.86 -29.51
CA LEU B 293 1.11 3.26 -29.70
C LEU B 293 0.35 3.08 -28.39
N PRO B 294 0.50 1.94 -27.66
CA PRO B 294 -0.24 1.75 -26.40
C PRO B 294 0.10 2.85 -25.36
N VAL B 295 1.38 3.26 -25.31
CA VAL B 295 1.84 4.34 -24.39
C VAL B 295 1.19 5.66 -24.79
N ARG B 296 1.12 5.98 -26.08
CA ARG B 296 0.48 7.23 -26.59
C ARG B 296 -1.01 7.24 -26.22
N LYS B 297 -1.70 6.10 -26.36
CA LYS B 297 -3.14 5.99 -26.00
C LYS B 297 -3.30 6.25 -24.51
N TYR B 298 -2.41 5.70 -23.69
CA TYR B 298 -2.46 5.83 -22.21
C TYR B 298 -2.26 7.31 -21.84
N VAL B 299 -1.25 7.96 -22.42
CA VAL B 299 -0.93 9.38 -22.14
C VAL B 299 -2.09 10.27 -22.61
N ARG B 300 -2.72 9.95 -23.74
CA ARG B 300 -3.93 10.68 -24.23
C ARG B 300 -5.04 10.46 -23.20
N GLY B 301 -5.11 9.26 -22.61
CA GLY B 301 -6.00 8.93 -21.49
C GLY B 301 -5.81 9.87 -20.31
N LEU B 302 -4.56 10.12 -19.91
CA LEU B 302 -4.23 11.05 -18.78
C LEU B 302 -4.71 12.46 -19.14
N GLU B 303 -4.48 12.89 -20.38
CA GLU B 303 -4.87 14.25 -20.87
C GLU B 303 -6.39 14.41 -20.79
N HIS B 304 -7.15 13.45 -21.34
CA HIS B 304 -8.63 13.44 -21.30
C HIS B 304 -9.11 13.49 -19.85
N TRP B 305 -8.44 12.74 -18.96
CA TRP B 305 -8.82 12.65 -17.53
C TRP B 305 -8.69 14.03 -16.90
N VAL B 306 -7.53 14.66 -17.05
CA VAL B 306 -7.26 15.98 -16.43
C VAL B 306 -8.30 16.99 -16.94
N ARG B 307 -8.50 17.06 -18.26
CA ARG B 307 -9.38 18.07 -18.90
C ARG B 307 -10.85 17.77 -18.55
N GLY B 308 -11.25 16.50 -18.65
CA GLY B 308 -12.63 16.06 -18.37
C GLY B 308 -13.01 16.33 -16.92
N HIS B 309 -12.08 16.10 -16.00
CA HIS B 309 -12.28 16.31 -14.54
C HIS B 309 -12.60 17.77 -14.27
N ILE B 310 -11.85 18.69 -14.90
CA ILE B 310 -12.08 20.15 -14.77
C ILE B 310 -13.47 20.49 -15.33
N ALA B 311 -13.80 20.02 -16.54
CA ALA B 311 -15.10 20.29 -17.20
C ALA B 311 -16.22 19.85 -16.26
N PHE B 312 -16.10 18.64 -15.68
CA PHE B 312 -17.12 18.07 -14.77
C PHE B 312 -17.26 18.92 -13.50
N SER B 313 -16.14 19.26 -12.86
CA SER B 313 -16.08 19.83 -11.49
C SER B 313 -16.62 21.26 -11.49
N LEU B 314 -16.43 22.02 -12.58
CA LEU B 314 -16.93 23.42 -12.72
C LEU B 314 -18.47 23.45 -12.74
N GLY B 315 -19.12 22.33 -13.08
CA GLY B 315 -20.57 22.29 -13.31
C GLY B 315 -21.33 21.35 -12.37
N SER B 316 -20.63 20.55 -11.56
CA SER B 316 -21.29 19.45 -10.78
C SER B 316 -21.98 20.02 -9.54
N ALA B 317 -23.22 19.60 -9.29
CA ALA B 317 -23.97 19.85 -8.04
C ALA B 317 -23.15 19.42 -6.81
N ARG B 318 -22.18 18.53 -6.97
CA ARG B 318 -21.33 18.06 -5.84
C ARG B 318 -20.54 19.24 -5.25
N TYR B 319 -20.15 20.22 -6.08
CA TYR B 319 -19.18 21.28 -5.72
C TYR B 319 -19.78 22.69 -5.76
N VAL B 320 -20.62 23.00 -6.76
CA VAL B 320 -20.94 24.42 -7.11
C VAL B 320 -21.78 25.07 -6.01
N GLY B 321 -22.70 24.32 -5.39
CA GLY B 321 -23.75 24.86 -4.49
C GLY B 321 -23.21 25.50 -3.22
N ALA B 322 -22.02 25.10 -2.77
CA ALA B 322 -21.45 25.53 -1.47
C ALA B 322 -20.76 26.90 -1.62
N TRP B 323 -20.43 27.33 -2.84
CA TRP B 323 -19.76 28.63 -3.07
C TRP B 323 -20.76 29.77 -2.87
N PRO B 324 -20.41 30.81 -2.08
CA PRO B 324 -21.27 31.98 -1.93
C PRO B 324 -21.70 32.62 -3.26
N ASP B 325 -22.90 33.23 -3.25
CA ASP B 325 -23.60 33.78 -4.44
C ASP B 325 -22.72 34.80 -5.16
N ASP B 326 -21.87 35.52 -4.43
CA ASP B 326 -21.07 36.64 -4.97
C ASP B 326 -19.73 36.13 -5.51
N THR B 327 -19.46 34.82 -5.43
CA THR B 327 -18.24 34.20 -5.99
C THR B 327 -18.18 34.45 -7.51
N ARG B 328 -17.03 34.90 -8.01
CA ARG B 328 -16.79 35.10 -9.45
C ARG B 328 -16.14 33.83 -10.02
N TRP B 329 -16.85 33.11 -10.87
CA TRP B 329 -16.38 31.86 -11.52
C TRP B 329 -15.54 32.24 -12.74
N PRO B 330 -14.55 31.40 -13.12
CA PRO B 330 -13.64 31.75 -14.22
C PRO B 330 -14.29 31.67 -15.61
N ARG B 331 -13.63 32.28 -16.61
CA ARG B 331 -13.97 32.19 -18.05
C ARG B 331 -13.50 30.83 -18.60
N ALA B 332 -13.95 30.48 -19.80
CA ALA B 332 -13.65 29.21 -20.53
C ALA B 332 -12.15 28.89 -20.43
P1 POP C . 10.54 -10.60 15.07
O1 POP C . 9.85 -11.75 15.71
O2 POP C . 11.89 -10.98 14.54
O3 POP C . 10.57 -9.39 15.95
O POP C . 9.66 -10.17 13.79
P2 POP C . 8.13 -9.70 13.75
O4 POP C . 7.71 -9.55 12.31
O5 POP C . 7.32 -10.73 14.49
O6 POP C . 8.15 -8.40 14.48
MG MG D . 9.34 -7.71 16.06
MG MG E . 7.24 -6.42 14.11
MG MG F . 7.87 -12.29 15.72
NA NA G . -12.86 -6.83 12.34
NA NA H . -3.15 -19.97 4.16
C TRS I . 11.45 -8.42 10.48
C1 TRS I . 10.27 -9.37 10.31
C2 TRS I . 11.01 -6.97 10.24
C3 TRS I . 12.04 -8.58 11.89
N TRS I . 12.50 -8.79 9.48
O1 TRS I . 10.72 -10.70 10.09
O2 TRS I . 9.67 -6.74 10.64
O3 TRS I . 12.21 -9.95 12.21
P1 POP J . -14.35 15.27 -3.06
O1 POP J . -13.84 16.67 -3.12
O2 POP J . -15.17 14.89 -4.24
O3 POP J . -15.04 14.95 -1.75
O POP J . -13.04 14.33 -3.14
P2 POP J . -11.83 14.21 -2.07
O4 POP J . -10.85 13.22 -2.66
O5 POP J . -11.24 15.60 -1.93
O6 POP J . -12.42 13.73 -0.79
MG MG K . -14.39 14.10 -0.08
MG MG L . -11.85 12.26 0.63
MG MG M . -12.07 17.48 -2.46
C1 GOL N . -13.63 10.21 -3.73
O1 GOL N . -12.45 9.43 -3.55
C2 GOL N . -13.69 10.89 -5.08
O2 GOL N . -14.36 12.14 -4.96
C3 GOL N . -12.33 11.12 -5.70
O3 GOL N . -11.41 11.62 -4.74
#